data_7WDH
#
_entry.id   7WDH
#
_cell.length_a   58.893
_cell.length_b   148.005
_cell.length_c   65.467
_cell.angle_alpha   90.000
_cell.angle_beta   100.240
_cell.angle_gamma   90.000
#
_symmetry.space_group_name_H-M   'P 1 21 1'
#
loop_
_entity.id
_entity.type
_entity.pdbx_description
1 polymer 'Bifunctional cytochrome P450/NADPH--P450 reductase'
2 non-polymer 'PROTOPORPHYRIN IX CONTAINING FE'
3 non-polymer HYDROXYAMINE
4 non-polymer '(2S)-2-(6-imidazol-1-ylhexanoylamino)-3-phenyl-propanoic acid'
5 non-polymer PHENOL
6 water water
#
_entity_poly.entity_id   1
_entity_poly.type   'polypeptide(L)'
_entity_poly.pdbx_seq_one_letter_code
;GMTIKEMPQPKTFGELKNLPLLNTDKPVQALMKIADELGEIFKFEAPGRVTRYLSSQRLIKEACDESRFDKNLSQALKFV
RDFAGDGLATSWTHEKNWKKAHNILLPSFSQQAMKGYHAMMVDIAVQLVQKWERLNADEHIEVPEDMTRLTLDTIGLCGF
NYRFNSFYRDQPHPFITSMVRALDEAMNKLQRANPDDPAYDENKRQFQEDIKVMNDLVDKIIADRKASGEQSDDLLTHML
NGKDPETGEPLDDENIRYQIITFLIAGHETTSGLLSFALYFLVKNPHVLQKAAEEAARVLVDPVPSYKQVKQLKYVGMVL
NEALRLWPTAPAFSLYAKEDTVLGGEYPLEKGDELMVLIPQLHRDKTIWGDDVEEFRPERFENPSAIPQHAFKPFGNGQR
ACIGQQFALHEATLVLGMMLKHFDFEDHTNYELDIKETLTLKPEGFVVKAKSKKIPLLEHHHHHH
;
_entity_poly.pdbx_strand_id   A,B
#
loop_
_chem_comp.id
_chem_comp.type
_chem_comp.name
_chem_comp.formula
HEM non-polymer 'PROTOPORPHYRIN IX CONTAINING FE' 'C34 H32 Fe N4 O4'
HOA non-polymer HYDROXYAMINE 'H3 N O'
IC6 non-polymer '(2S)-2-(6-imidazol-1-ylhexanoylamino)-3-phenyl-propanoic acid' 'C18 H23 N3 O3'
IPH non-polymer PHENOL 'C6 H6 O'
#
# COMPACT_ATOMS: atom_id res chain seq x y z
N LYS A 5 -6.31 34.43 -2.59
CA LYS A 5 -6.34 34.99 -1.25
C LYS A 5 -4.96 35.46 -0.81
N GLU A 6 -4.93 36.57 -0.08
CA GLU A 6 -3.66 37.10 0.43
C GLU A 6 -3.25 36.30 1.65
N MET A 7 -1.99 35.86 1.66
CA MET A 7 -1.55 34.94 2.69
C MET A 7 -1.13 35.68 3.94
N PRO A 8 -1.62 35.29 5.12
CA PRO A 8 -1.14 35.91 6.36
C PRO A 8 0.34 35.64 6.56
N GLN A 9 0.97 36.47 7.39
CA GLN A 9 2.40 36.38 7.65
C GLN A 9 2.67 36.93 9.04
N PRO A 10 3.50 36.26 9.84
CA PRO A 10 3.78 36.77 11.20
C PRO A 10 4.64 38.01 11.19
N LYS A 11 4.88 38.58 12.38
CA LYS A 11 5.57 39.86 12.51
C LYS A 11 6.99 39.78 11.96
N THR A 12 7.45 40.91 11.42
CA THR A 12 8.72 41.00 10.70
C THR A 12 9.69 41.91 11.44
N PHE A 13 10.96 41.79 11.06
CA PHE A 13 12.08 42.46 11.72
C PHE A 13 12.92 43.16 10.65
N GLY A 14 12.27 44.02 9.87
CA GLY A 14 12.98 44.73 8.83
C GLY A 14 13.56 43.79 7.79
N GLU A 15 14.82 44.04 7.43
CA GLU A 15 15.48 43.23 6.40
C GLU A 15 15.66 41.78 6.83
N LEU A 16 15.56 41.48 8.12
CA LEU A 16 15.64 40.10 8.58
C LEU A 16 14.33 39.33 8.37
N LYS A 17 13.26 40.02 7.97
CA LYS A 17 11.97 39.40 7.66
C LYS A 17 11.50 38.62 8.88
N ASN A 18 11.14 37.34 8.77
CA ASN A 18 10.66 36.55 9.89
C ASN A 18 11.75 35.76 10.61
N LEU A 19 12.99 35.81 10.13
CA LEU A 19 14.03 34.93 10.66
C LEU A 19 14.21 35.01 12.17
N PRO A 20 14.16 36.17 12.83
CA PRO A 20 14.35 36.17 14.29
C PRO A 20 13.28 35.41 15.06
N LEU A 21 12.14 35.08 14.44
CA LEU A 21 11.13 34.29 15.12
C LEU A 21 11.63 32.87 15.41
N LEU A 22 12.59 32.39 14.64
CA LEU A 22 13.20 31.08 14.87
C LEU A 22 14.36 31.14 15.84
N ASN A 23 14.74 32.33 16.31
CA ASN A 23 15.81 32.46 17.30
C ASN A 23 15.21 32.19 18.69
N THR A 24 14.95 30.91 18.92
CA THR A 24 14.30 30.44 20.14
C THR A 24 14.70 28.98 20.34
N ASP A 25 14.63 28.54 21.60
CA ASP A 25 14.98 27.16 21.89
C ASP A 25 13.89 26.18 21.47
N LYS A 26 12.69 26.66 21.21
CA LYS A 26 11.54 25.81 20.89
C LYS A 26 10.87 26.33 19.62
N PRO A 27 11.51 26.19 18.46
CA PRO A 27 10.94 26.78 17.24
C PRO A 27 9.65 26.12 16.78
N VAL A 28 9.51 24.80 16.91
CA VAL A 28 8.27 24.15 16.47
C VAL A 28 7.09 24.67 17.27
N GLN A 29 7.27 24.81 18.59
CA GLN A 29 6.18 25.31 19.41
C GLN A 29 5.89 26.77 19.13
N ALA A 30 6.92 27.55 18.78
CA ALA A 30 6.68 28.92 18.33
C ALA A 30 5.86 28.95 17.05
N LEU A 31 6.16 28.05 16.11
CA LEU A 31 5.41 28.01 14.86
C LEU A 31 3.98 27.55 15.08
N MET A 32 3.74 26.64 16.03
CA MET A 32 2.37 26.24 16.34
C MET A 32 1.57 27.42 16.90
N LYS A 33 2.19 28.24 17.74
CA LYS A 33 1.50 29.42 18.26
C LYS A 33 1.17 30.40 17.14
N ILE A 34 2.09 30.57 16.18
CA ILE A 34 1.79 31.43 15.03
C ILE A 34 0.63 30.84 14.22
N ALA A 35 0.64 29.53 14.02
CA ALA A 35 -0.47 28.88 13.30
C ALA A 35 -1.78 29.04 14.06
N ASP A 36 -1.75 29.00 15.40
CA ASP A 36 -2.96 29.25 16.18
C ASP A 36 -3.53 30.63 15.89
N GLU A 37 -2.66 31.62 15.70
CA GLU A 37 -3.10 32.99 15.48
C GLU A 37 -3.51 33.24 14.04
N LEU A 38 -2.76 32.71 13.07
CA LEU A 38 -2.94 33.07 11.67
C LEU A 38 -3.75 32.06 10.87
N GLY A 39 -3.86 30.82 11.31
CA GLY A 39 -4.71 29.87 10.62
C GLY A 39 -4.00 28.80 9.81
N GLU A 40 -4.68 28.31 8.78
CA GLU A 40 -4.24 27.09 8.10
C GLU A 40 -3.02 27.29 7.21
N ILE A 41 -2.65 28.52 6.89
CA ILE A 41 -1.50 28.76 6.03
C ILE A 41 -0.91 30.13 6.38
N PHE A 42 0.42 30.19 6.47
CA PHE A 42 1.06 31.49 6.59
C PHE A 42 2.40 31.46 5.90
N LYS A 43 2.76 32.61 5.33
CA LYS A 43 4.01 32.84 4.66
C LYS A 43 5.11 33.04 5.70
N PHE A 44 6.29 32.51 5.42
CA PHE A 44 7.43 32.70 6.32
C PHE A 44 8.64 33.04 5.48
N GLU A 45 9.21 34.23 5.72
CA GLU A 45 10.30 34.74 4.92
C GLU A 45 11.56 34.91 5.77
N ALA A 46 12.70 34.57 5.17
CA ALA A 46 14.02 34.86 5.70
C ALA A 46 14.83 35.45 4.57
N PRO A 47 15.98 36.05 4.86
CA PRO A 47 16.85 36.51 3.76
C PRO A 47 17.20 35.36 2.84
N GLY A 48 16.77 35.47 1.58
CA GLY A 48 17.06 34.45 0.59
C GLY A 48 16.15 33.24 0.62
N ARG A 49 15.05 33.26 1.37
CA ARG A 49 14.16 32.11 1.39
C ARG A 49 12.72 32.53 1.69
N VAL A 50 11.79 31.84 1.03
CA VAL A 50 10.36 31.94 1.30
C VAL A 50 9.80 30.53 1.42
N THR A 51 8.97 30.30 2.42
CA THR A 51 8.24 29.04 2.53
C THR A 51 6.85 29.34 3.08
N ARG A 52 5.98 28.33 3.04
CA ARG A 52 4.61 28.47 3.51
C ARG A 52 4.29 27.32 4.46
N TYR A 53 3.84 27.64 5.67
CA TYR A 53 3.54 26.62 6.68
C TYR A 53 2.07 26.23 6.59
N LEU A 54 1.81 24.95 6.36
CA LEU A 54 0.46 24.42 6.26
C LEU A 54 0.06 23.72 7.55
N SER A 55 -1.19 23.93 7.98
CA SER A 55 -1.67 23.39 9.24
C SER A 55 -3.03 22.70 9.16
N SER A 56 -3.75 22.80 8.05
CA SER A 56 -5.08 22.20 7.94
C SER A 56 -5.03 20.94 7.09
N GLN A 57 -5.86 19.97 7.45
CA GLN A 57 -6.01 18.79 6.60
C GLN A 57 -6.50 19.19 5.22
N ARG A 58 -7.29 20.26 5.12
CA ARG A 58 -7.84 20.68 3.83
C ARG A 58 -6.73 20.98 2.83
N LEU A 59 -5.70 21.70 3.28
CA LEU A 59 -4.59 22.04 2.38
C LEU A 59 -3.55 20.92 2.32
N ILE A 60 -3.27 20.26 3.44
CA ILE A 60 -2.21 19.25 3.45
C ILE A 60 -2.60 18.06 2.59
N LYS A 61 -3.90 17.76 2.49
CA LYS A 61 -4.30 16.64 1.62
C LYS A 61 -3.92 16.91 0.16
N GLU A 62 -3.97 18.17 -0.27
CA GLU A 62 -3.49 18.52 -1.60
C GLU A 62 -1.97 18.45 -1.69
N ALA A 63 -1.27 18.91 -0.65
CA ALA A 63 0.19 18.89 -0.66
C ALA A 63 0.73 17.46 -0.75
N CYS A 64 -0.04 16.48 -0.28
CA CYS A 64 0.39 15.09 -0.32
C CYS A 64 0.15 14.44 -1.68
N ASP A 65 -0.31 15.19 -2.67
CA ASP A 65 -0.48 14.70 -4.03
C ASP A 65 0.89 14.62 -4.69
N GLU A 66 1.40 13.41 -4.89
CA GLU A 66 2.76 13.26 -5.40
C GLU A 66 2.90 13.66 -6.86
N SER A 67 1.79 13.77 -7.60
CA SER A 67 1.89 14.27 -8.97
C SER A 67 2.14 15.77 -8.99
N ARG A 68 1.83 16.47 -7.91
CA ARG A 68 1.97 17.92 -7.83
C ARG A 68 3.13 18.38 -6.96
N PHE A 69 3.51 17.60 -5.94
CA PHE A 69 4.54 18.01 -4.99
C PHE A 69 5.48 16.86 -4.70
N ASP A 70 6.77 17.18 -4.57
CA ASP A 70 7.82 16.23 -4.24
C ASP A 70 8.49 16.64 -2.93
N LYS A 71 9.18 15.71 -2.29
CA LYS A 71 9.91 16.04 -1.06
C LYS A 71 10.96 17.10 -1.32
N ASN A 72 11.00 18.10 -0.45
CA ASN A 72 12.00 19.14 -0.46
C ASN A 72 12.95 18.93 0.73
N LEU A 73 14.20 19.32 0.55
CA LEU A 73 15.15 19.36 1.66
C LEU A 73 15.02 20.72 2.34
N SER A 74 14.42 20.72 3.52
CA SER A 74 14.41 21.90 4.38
C SER A 74 15.85 22.31 4.72
N GLN A 75 15.99 23.52 5.28
CA GLN A 75 17.33 23.92 5.72
C GLN A 75 17.86 22.95 6.78
N ALA A 76 16.98 22.41 7.61
CA ALA A 76 17.39 21.42 8.60
C ALA A 76 17.94 20.16 7.94
N LEU A 77 17.26 19.66 6.90
CA LEU A 77 17.77 18.47 6.22
C LEU A 77 19.04 18.79 5.42
N LYS A 78 19.16 20.01 4.91
CA LYS A 78 20.40 20.38 4.22
C LYS A 78 21.57 20.37 5.18
N PHE A 79 21.33 20.78 6.44
CA PHE A 79 22.31 20.60 7.51
C PHE A 79 22.66 19.13 7.72
N VAL A 80 21.65 18.29 7.91
CA VAL A 80 21.92 16.86 8.12
C VAL A 80 22.70 16.30 6.95
N ARG A 81 22.41 16.77 5.73
CA ARG A 81 23.09 16.28 4.55
C ARG A 81 24.60 16.56 4.57
N ASP A 82 25.04 17.57 5.33
CA ASP A 82 26.48 17.81 5.44
C ASP A 82 27.24 16.62 6.02
N PHE A 83 26.57 15.76 6.78
CA PHE A 83 27.22 14.52 7.23
C PHE A 83 26.47 13.26 6.85
N ALA A 84 25.19 13.34 6.47
CA ALA A 84 24.43 12.18 6.02
C ALA A 84 24.39 12.05 4.50
N GLY A 85 24.93 13.03 3.77
CA GLY A 85 25.13 12.90 2.33
C GLY A 85 23.87 12.57 1.59
N ASP A 86 24.00 11.70 0.58
CA ASP A 86 22.84 11.21 -0.15
C ASP A 86 22.31 9.90 0.41
N GLY A 87 22.35 9.74 1.73
CA GLY A 87 21.57 8.70 2.38
C GLY A 87 20.08 8.90 2.14
N LEU A 88 19.30 7.93 2.61
CA LEU A 88 17.88 7.88 2.22
C LEU A 88 17.12 9.13 2.64
N ALA A 89 17.40 9.65 3.84
CA ALA A 89 16.59 10.75 4.37
C ALA A 89 16.98 12.11 3.81
N THR A 90 18.20 12.27 3.30
CA THR A 90 18.67 13.58 2.87
C THR A 90 19.00 13.61 1.37
N SER A 91 18.53 12.63 0.61
CA SER A 91 18.68 12.63 -0.83
C SER A 91 17.43 13.21 -1.49
N TRP A 92 17.61 13.84 -2.63
CA TRP A 92 16.49 14.23 -3.46
C TRP A 92 15.94 12.99 -4.17
N THR A 93 14.64 13.01 -4.42
CA THR A 93 14.00 11.85 -5.06
C THR A 93 14.63 11.56 -6.42
N HIS A 94 15.10 12.58 -7.12
CA HIS A 94 15.67 12.41 -8.44
C HIS A 94 17.14 12.01 -8.44
N GLU A 95 17.78 11.95 -7.26
CA GLU A 95 19.15 11.47 -7.20
C GLU A 95 19.17 9.96 -7.33
N LYS A 96 20.09 9.46 -8.16
CA LYS A 96 20.13 8.03 -8.46
C LYS A 96 20.18 7.19 -7.20
N ASN A 97 20.93 7.65 -6.20
CA ASN A 97 21.10 6.86 -4.98
C ASN A 97 19.85 6.81 -4.11
N TRP A 98 18.83 7.64 -4.34
CA TRP A 98 17.64 7.49 -3.52
C TRP A 98 16.88 6.22 -3.89
N LYS A 99 16.43 6.11 -5.14
CA LYS A 99 15.66 4.95 -5.55
C LYS A 99 16.48 3.67 -5.43
N LYS A 100 17.77 3.75 -5.79
CA LYS A 100 18.66 2.60 -5.67
C LYS A 100 18.72 2.08 -4.24
N ALA A 101 19.01 2.97 -3.28
CA ALA A 101 19.05 2.54 -1.89
C ALA A 101 17.68 2.14 -1.39
N HIS A 102 16.63 2.83 -1.83
CA HIS A 102 15.27 2.46 -1.47
C HIS A 102 14.97 1.03 -1.85
N ASN A 103 15.26 0.66 -3.12
CA ASN A 103 14.99 -0.69 -3.57
C ASN A 103 15.82 -1.71 -2.82
N ILE A 104 17.06 -1.36 -2.49
CA ILE A 104 17.97 -2.29 -1.84
C ILE A 104 17.60 -2.50 -0.38
N LEU A 105 17.12 -1.44 0.29
CA LEU A 105 16.90 -1.50 1.73
C LEU A 105 15.47 -1.82 2.12
N LEU A 106 14.51 -1.63 1.23
CA LEU A 106 13.12 -1.95 1.57
C LEU A 106 12.94 -3.38 2.03
N PRO A 107 13.61 -4.40 1.47
CA PRO A 107 13.49 -5.76 2.04
C PRO A 107 13.98 -5.87 3.47
N SER A 108 14.81 -4.94 3.94
CA SER A 108 15.26 -4.96 5.33
C SER A 108 14.17 -4.55 6.30
N PHE A 109 13.00 -4.17 5.80
CA PHE A 109 11.87 -3.85 6.66
C PHE A 109 10.64 -4.66 6.31
N SER A 110 10.84 -5.74 5.56
CA SER A 110 9.77 -6.71 5.32
C SER A 110 9.46 -7.47 6.61
N GLN A 111 8.37 -8.23 6.58
CA GLN A 111 7.96 -8.87 7.82
C GLN A 111 8.82 -10.09 8.15
N GLN A 112 9.38 -10.75 7.12
CA GLN A 112 10.42 -11.75 7.38
C GLN A 112 11.61 -11.13 8.09
N ALA A 113 11.97 -9.90 7.73
CA ALA A 113 13.08 -9.23 8.40
C ALA A 113 12.68 -8.82 9.82
N MET A 114 11.46 -8.29 9.99
CA MET A 114 11.00 -7.89 11.32
C MET A 114 10.98 -9.08 12.27
N LYS A 115 10.52 -10.24 11.79
CA LYS A 115 10.59 -11.45 12.61
C LYS A 115 12.02 -11.77 12.99
N GLY A 116 12.97 -11.45 12.11
CA GLY A 116 14.37 -11.66 12.43
C GLY A 116 14.90 -10.68 13.45
N TYR A 117 14.40 -9.45 13.43
CA TYR A 117 14.83 -8.45 14.40
C TYR A 117 14.24 -8.67 15.78
N HIS A 118 13.12 -9.38 15.88
CA HIS A 118 12.35 -9.42 17.12
C HIS A 118 13.20 -9.87 18.30
N ALA A 119 13.97 -10.95 18.13
CA ALA A 119 14.76 -11.49 19.23
C ALA A 119 15.79 -10.47 19.73
N MET A 120 16.37 -9.69 18.81
CA MET A 120 17.33 -8.68 19.23
C MET A 120 16.65 -7.50 19.92
N MET A 121 15.44 -7.14 19.49
CA MET A 121 14.67 -6.13 20.23
C MET A 121 14.35 -6.60 21.64
N VAL A 122 13.98 -7.88 21.78
CA VAL A 122 13.71 -8.44 23.10
C VAL A 122 14.97 -8.38 23.97
N ASP A 123 16.13 -8.67 23.38
CA ASP A 123 17.40 -8.58 24.11
C ASP A 123 17.55 -7.24 24.79
N ILE A 124 17.35 -6.15 24.03
CA ILE A 124 17.52 -4.82 24.60
C ILE A 124 16.38 -4.50 25.57
N ALA A 125 15.15 -4.92 25.23
CA ALA A 125 14.00 -4.62 26.08
C ALA A 125 14.15 -5.29 27.45
N VAL A 126 14.66 -6.52 27.47
CA VAL A 126 14.91 -7.20 28.74
C VAL A 126 15.93 -6.42 29.58
N GLN A 127 16.97 -5.87 28.94
CA GLN A 127 17.93 -5.05 29.67
C GLN A 127 17.26 -3.83 30.31
N LEU A 128 16.30 -3.22 29.62
CA LEU A 128 15.57 -2.11 30.21
C LEU A 128 14.78 -2.57 31.43
N VAL A 129 14.00 -3.64 31.28
CA VAL A 129 13.19 -4.14 32.38
C VAL A 129 14.07 -4.50 33.58
N GLN A 130 15.21 -5.14 33.32
CA GLN A 130 16.10 -5.53 34.42
C GLN A 130 16.69 -4.32 35.12
N LYS A 131 17.05 -3.27 34.37
CA LYS A 131 17.53 -2.06 35.01
C LYS A 131 16.51 -1.53 36.01
N TRP A 132 15.24 -1.45 35.59
CA TRP A 132 14.23 -0.88 36.47
C TRP A 132 13.89 -1.82 37.62
N GLU A 133 13.94 -3.13 37.40
CA GLU A 133 13.75 -4.08 38.49
C GLU A 133 14.81 -3.93 39.56
N ARG A 134 15.99 -3.45 39.19
CA ARG A 134 17.15 -3.40 40.09
C ARG A 134 17.31 -2.07 40.80
N LEU A 135 16.42 -1.10 40.53
CA LEU A 135 16.47 0.14 41.27
C LEU A 135 16.08 -0.09 42.73
N ASN A 136 16.69 0.70 43.61
CA ASN A 136 16.34 0.63 45.01
C ASN A 136 15.04 1.41 45.26
N ALA A 137 14.51 1.27 46.48
CA ALA A 137 13.29 1.98 46.83
C ALA A 137 13.53 3.49 46.74
N ASP A 138 12.52 4.21 46.27
CA ASP A 138 12.50 5.66 46.14
C ASP A 138 13.46 6.19 45.08
N GLU A 139 14.23 5.34 44.41
CA GLU A 139 14.92 5.78 43.21
C GLU A 139 13.91 5.97 42.09
N HIS A 140 14.27 6.81 41.11
CA HIS A 140 13.35 7.11 40.03
C HIS A 140 14.00 6.81 38.68
N ILE A 141 13.18 6.94 37.63
CA ILE A 141 13.59 6.66 36.26
C ILE A 141 13.67 7.98 35.50
N GLU A 142 14.76 8.17 34.77
CA GLU A 142 14.89 9.28 33.84
C GLU A 142 14.40 8.76 32.49
N VAL A 143 13.18 9.13 32.12
CA VAL A 143 12.45 8.39 31.07
C VAL A 143 13.08 8.59 29.70
N PRO A 144 13.23 9.82 29.18
CA PRO A 144 13.82 9.95 27.83
C PRO A 144 15.23 9.43 27.75
N GLU A 145 16.01 9.54 28.83
CA GLU A 145 17.36 8.99 28.86
C GLU A 145 17.34 7.47 28.67
N ASP A 146 16.49 6.77 29.43
CA ASP A 146 16.45 5.31 29.28
C ASP A 146 15.80 4.90 27.96
N MET A 147 14.84 5.67 27.45
CA MET A 147 14.28 5.32 26.15
C MET A 147 15.30 5.49 25.04
N THR A 148 16.16 6.50 25.15
CA THR A 148 17.23 6.66 24.17
C THR A 148 18.26 5.53 24.29
N ARG A 149 18.59 5.13 25.52
CA ARG A 149 19.44 3.96 25.69
C ARG A 149 18.87 2.76 24.93
N LEU A 150 17.57 2.54 25.08
CA LEU A 150 16.93 1.38 24.46
C LEU A 150 16.91 1.48 22.94
N THR A 151 16.47 2.63 22.40
CA THR A 151 16.30 2.69 20.95
C THR A 151 17.64 2.74 20.23
N LEU A 152 18.64 3.41 20.81
CA LEU A 152 19.97 3.39 20.21
C LEU A 152 20.54 1.97 20.20
N ASP A 153 20.45 1.27 21.34
CA ASP A 153 20.94 -0.10 21.38
C ASP A 153 20.20 -0.99 20.40
N THR A 154 18.91 -0.77 20.23
CA THR A 154 18.13 -1.62 19.34
C THR A 154 18.53 -1.43 17.88
N ILE A 155 18.69 -0.17 17.43
CA ILE A 155 19.09 0.01 16.04
C ILE A 155 20.52 -0.46 15.83
N GLY A 156 21.39 -0.29 16.83
CA GLY A 156 22.75 -0.77 16.68
C GLY A 156 22.79 -2.27 16.50
N LEU A 157 22.01 -2.99 17.30
CA LEU A 157 22.05 -4.46 17.26
C LEU A 157 21.27 -4.99 16.06
N CYS A 158 20.03 -4.54 15.87
CA CYS A 158 19.22 -5.01 14.76
C CYS A 158 19.81 -4.59 13.42
N GLY A 159 20.32 -3.38 13.33
CA GLY A 159 20.79 -2.87 12.05
C GLY A 159 22.20 -3.30 11.70
N PHE A 160 23.08 -3.34 12.69
CA PHE A 160 24.51 -3.47 12.41
C PHE A 160 25.20 -4.55 13.22
N ASN A 161 24.47 -5.31 14.03
CA ASN A 161 25.06 -6.31 14.94
C ASN A 161 26.18 -5.67 15.76
N TYR A 162 25.92 -4.46 16.25
CA TYR A 162 26.88 -3.71 17.06
C TYR A 162 26.22 -3.37 18.38
N ARG A 163 26.93 -3.59 19.48
CA ARG A 163 26.37 -3.33 20.81
C ARG A 163 26.91 -2.00 21.33
N PHE A 164 26.02 -0.99 21.41
CA PHE A 164 26.38 0.25 22.06
C PHE A 164 26.48 0.10 23.56
N ASN A 165 25.81 -0.89 24.15
CA ASN A 165 25.88 -1.16 25.58
C ASN A 165 25.53 0.09 26.40
N SER A 166 24.44 0.74 25.99
CA SER A 166 24.03 2.00 26.60
C SER A 166 23.62 1.84 28.06
N PHE A 167 23.14 0.66 28.43
CA PHE A 167 22.72 0.42 29.83
C PHE A 167 23.93 0.23 30.74
N TYR A 168 25.12 0.18 30.18
CA TYR A 168 26.36 0.03 30.98
C TYR A 168 27.02 1.40 31.19
N ARG A 169 26.35 2.46 30.78
CA ARG A 169 26.91 3.84 30.84
C ARG A 169 25.94 4.78 31.55
N ASP A 170 26.50 5.69 32.34
CA ASP A 170 25.70 6.67 33.12
C ASP A 170 25.56 7.95 32.30
N GLN A 171 26.39 8.09 31.28
CA GLN A 171 26.33 9.32 30.47
C GLN A 171 26.08 8.91 29.03
N PRO A 172 25.55 9.76 28.14
CA PRO A 172 25.39 9.38 26.76
C PRO A 172 26.73 9.12 26.04
N HIS A 173 26.69 8.37 24.96
CA HIS A 173 27.92 8.12 24.17
C HIS A 173 28.46 9.43 23.57
N PRO A 174 29.76 9.52 23.25
CA PRO A 174 30.26 10.80 22.75
C PRO A 174 29.56 11.30 21.48
N PHE A 175 29.26 10.42 20.55
CA PHE A 175 28.65 10.88 19.29
C PHE A 175 27.28 11.53 19.53
N ILE A 176 26.49 11.01 20.46
CA ILE A 176 25.17 11.62 20.73
C ILE A 176 25.40 13.07 21.14
N THR A 177 26.25 13.27 22.14
CA THR A 177 26.52 14.64 22.58
C THR A 177 27.12 15.43 21.43
N SER A 178 27.99 14.79 20.65
CA SER A 178 28.55 15.39 19.45
C SER A 178 27.46 15.81 18.47
N MET A 179 26.48 14.93 18.24
CA MET A 179 25.37 15.22 17.32
C MET A 179 24.67 16.54 17.66
N VAL A 180 24.32 16.72 18.93
CA VAL A 180 23.45 17.84 19.33
C VAL A 180 24.21 19.16 19.26
N ARG A 181 25.47 19.19 19.69
CA ARG A 181 26.23 20.43 19.63
C ARG A 181 26.48 20.85 18.18
N ALA A 182 26.65 19.88 17.28
CA ALA A 182 26.69 20.21 15.86
C ALA A 182 25.39 20.89 15.43
N LEU A 183 24.25 20.32 15.83
CA LEU A 183 22.96 20.93 15.53
C LEU A 183 22.83 22.30 16.17
N ASP A 184 23.27 22.44 17.41
CA ASP A 184 23.24 23.74 18.08
C ASP A 184 24.01 24.78 17.27
N GLU A 185 25.21 24.41 16.79
CA GLU A 185 25.98 25.30 15.92
C GLU A 185 25.20 25.63 14.65
N ALA A 186 24.61 24.60 14.02
CA ALA A 186 23.85 24.81 12.79
C ALA A 186 22.72 25.80 13.00
N MET A 187 21.97 25.65 14.10
CA MET A 187 20.85 26.54 14.35
C MET A 187 21.32 27.95 14.71
N ASN A 188 22.46 28.07 15.38
CA ASN A 188 23.03 29.40 15.59
C ASN A 188 23.42 30.04 14.27
N LYS A 189 23.92 29.24 13.33
CA LYS A 189 24.39 29.77 12.05
C LYS A 189 23.25 30.37 11.22
N LEU A 190 22.01 29.89 11.38
CA LEU A 190 20.89 30.52 10.69
C LEU A 190 20.81 32.02 10.96
N GLN A 191 21.07 32.36 12.20
CA GLN A 191 20.88 33.76 12.60
C GLN A 191 22.07 34.65 12.19
N ARG A 192 23.12 34.09 11.60
CA ARG A 192 24.31 34.91 11.26
C ARG A 192 24.19 35.48 9.86
N ALA A 193 24.22 36.80 9.78
CA ALA A 193 24.20 37.57 8.53
C ALA A 193 25.49 37.29 7.77
N ASN A 194 26.60 37.16 8.49
CA ASN A 194 27.93 36.94 7.89
C ASN A 194 28.55 35.67 8.45
N PRO A 195 28.13 34.48 8.02
CA PRO A 195 28.64 33.22 8.55
C PRO A 195 30.13 32.97 8.27
N ASP A 196 30.65 33.56 7.20
CA ASP A 196 32.08 33.39 6.87
C ASP A 196 32.94 34.44 7.59
N ASP A 197 32.38 35.14 8.57
CA ASP A 197 33.17 36.05 9.37
C ASP A 197 34.24 35.25 10.11
N PRO A 198 35.46 35.78 10.25
CA PRO A 198 36.50 35.06 10.99
C PRO A 198 36.10 34.71 12.41
N ALA A 199 35.17 35.46 13.01
CA ALA A 199 34.73 35.20 14.38
C ALA A 199 34.17 33.79 14.55
N TYR A 200 33.77 33.13 13.46
CA TYR A 200 33.19 31.79 13.55
C TYR A 200 34.16 30.70 13.08
N ASP A 201 35.45 31.00 13.03
CA ASP A 201 36.42 29.95 12.60
C ASP A 201 36.44 28.87 13.67
N GLU A 202 36.38 29.25 14.93
CA GLU A 202 36.39 28.28 16.05
C GLU A 202 35.15 27.39 15.94
N ASN A 203 34.01 27.98 15.60
CA ASN A 203 32.76 27.20 15.45
C ASN A 203 32.91 26.17 14.34
N LYS A 204 33.54 26.53 13.23
CA LYS A 204 33.66 25.56 12.12
C LYS A 204 34.55 24.39 12.55
N ARG A 205 35.61 24.68 13.29
CA ARG A 205 36.58 23.62 13.65
C ARG A 205 35.88 22.55 14.46
N GLN A 206 35.05 22.95 15.42
CA GLN A 206 34.32 21.96 16.25
C GLN A 206 33.35 21.13 15.42
N PHE A 207 32.72 21.73 14.42
CA PHE A 207 31.74 20.98 13.61
C PHE A 207 32.43 19.83 12.90
N GLN A 208 33.63 20.06 12.37
CA GLN A 208 34.39 19.02 11.64
C GLN A 208 34.80 17.90 12.59
N GLU A 209 35.10 18.25 13.82
CA GLU A 209 35.51 17.23 14.81
C GLU A 209 34.33 16.27 15.02
N ASP A 210 33.13 16.82 15.15
CA ASP A 210 31.89 16.05 15.35
C ASP A 210 31.70 15.11 14.16
N ILE A 211 31.74 15.65 12.97
CA ILE A 211 31.61 14.80 11.76
C ILE A 211 32.67 13.68 11.83
N LYS A 212 33.85 13.96 12.38
CA LYS A 212 34.92 12.96 12.54
C LYS A 212 34.56 11.90 13.57
N VAL A 213 34.05 12.30 14.73
CA VAL A 213 33.72 11.35 15.82
C VAL A 213 32.66 10.37 15.33
N MET A 214 31.59 10.88 14.72
CA MET A 214 30.54 10.01 14.16
C MET A 214 31.16 9.13 13.10
N ASN A 215 31.98 9.72 12.25
CA ASN A 215 32.65 8.93 11.20
C ASN A 215 33.57 7.87 11.84
N ASP A 216 34.19 8.18 12.97
CA ASP A 216 35.03 7.19 13.69
C ASP A 216 34.13 6.01 14.10
N LEU A 217 32.90 6.26 14.57
CA LEU A 217 31.98 5.16 14.92
C LEU A 217 31.68 4.31 13.68
N VAL A 218 31.42 4.93 12.54
CA VAL A 218 31.09 4.20 11.30
C VAL A 218 32.25 3.28 10.92
N ASP A 219 33.48 3.77 11.08
CA ASP A 219 34.64 2.94 10.77
C ASP A 219 34.70 1.72 11.69
N LYS A 220 34.40 1.91 12.98
CA LYS A 220 34.36 0.79 13.91
C LYS A 220 33.29 -0.22 13.52
N ILE A 221 32.11 0.25 13.12
CA ILE A 221 31.03 -0.66 12.73
C ILE A 221 31.42 -1.45 11.49
N ILE A 222 31.99 -0.79 10.50
CA ILE A 222 32.37 -1.48 9.26
C ILE A 222 33.52 -2.43 9.53
N ALA A 223 34.49 -2.02 10.34
CA ALA A 223 35.62 -2.89 10.67
C ALA A 223 35.14 -4.19 11.29
N ASP A 224 34.19 -4.11 12.23
CA ASP A 224 33.62 -5.32 12.82
C ASP A 224 33.05 -6.24 11.74
N ARG A 225 32.21 -5.70 10.87
CA ARG A 225 31.52 -6.53 9.88
C ARG A 225 32.49 -7.18 8.90
N SER A 232 25.59 -12.39 9.52
CA SER A 232 24.21 -11.97 9.89
C SER A 232 23.37 -11.76 8.64
N ASP A 233 22.11 -11.45 8.84
CA ASP A 233 21.23 -11.08 7.69
C ASP A 233 20.49 -9.86 8.19
N ASP A 234 21.22 -8.77 8.38
CA ASP A 234 20.66 -7.52 8.95
C ASP A 234 20.78 -6.37 7.97
N LEU A 235 20.48 -5.19 8.45
CA LEU A 235 20.46 -4.02 7.58
C LEU A 235 21.81 -3.82 6.90
N LEU A 236 22.90 -3.91 7.66
CA LEU A 236 24.23 -3.74 7.07
C LEU A 236 24.54 -4.83 6.06
N THR A 237 24.00 -6.04 6.26
CA THR A 237 24.15 -7.10 5.28
C THR A 237 23.58 -6.69 3.93
N HIS A 238 22.35 -6.14 3.94
CA HIS A 238 21.75 -5.68 2.68
C HIS A 238 22.52 -4.51 2.09
N MET A 239 22.98 -3.58 2.93
CA MET A 239 23.77 -2.47 2.44
C MET A 239 25.01 -2.96 1.69
N LEU A 240 25.66 -4.00 2.22
CA LEU A 240 26.92 -4.48 1.65
C LEU A 240 26.72 -5.47 0.51
N ASN A 241 25.60 -6.19 0.48
CA ASN A 241 25.42 -7.28 -0.47
C ASN A 241 24.21 -7.15 -1.38
N GLY A 242 23.24 -6.32 -1.02
CA GLY A 242 22.04 -6.24 -1.84
C GLY A 242 22.29 -5.57 -3.18
N LYS A 243 21.52 -5.98 -4.18
CA LYS A 243 21.59 -5.39 -5.51
C LYS A 243 20.22 -4.79 -5.85
N ASP A 244 20.25 -3.60 -6.42
CA ASP A 244 19.02 -2.95 -6.85
C ASP A 244 18.45 -3.71 -8.04
N PRO A 245 17.21 -4.22 -7.96
CA PRO A 245 16.67 -4.99 -9.09
C PRO A 245 16.59 -4.20 -10.39
N GLU A 246 16.47 -2.87 -10.32
CA GLU A 246 16.34 -2.08 -11.53
C GLU A 246 17.68 -1.95 -12.25
N THR A 247 18.69 -1.40 -11.57
CA THR A 247 20.01 -1.21 -12.18
C THR A 247 20.89 -2.45 -12.08
N GLY A 248 20.56 -3.40 -11.22
CA GLY A 248 21.44 -4.53 -10.96
C GLY A 248 22.67 -4.21 -10.15
N GLU A 249 22.81 -2.96 -9.64
CA GLU A 249 24.01 -2.48 -8.97
C GLU A 249 23.85 -2.53 -7.45
N PRO A 250 24.94 -2.77 -6.74
CA PRO A 250 24.95 -2.57 -5.28
C PRO A 250 25.31 -1.12 -4.96
N LEU A 251 25.09 -0.75 -3.70
CA LEU A 251 25.51 0.54 -3.23
C LEU A 251 27.03 0.61 -3.18
N ASP A 252 27.58 1.79 -3.44
CA ASP A 252 29.02 1.96 -3.31
C ASP A 252 29.39 2.28 -1.86
N ASP A 253 30.69 2.19 -1.57
CA ASP A 253 31.18 2.35 -0.20
C ASP A 253 30.79 3.70 0.39
N GLU A 254 30.88 4.76 -0.42
CA GLU A 254 30.58 6.10 0.08
C GLU A 254 29.12 6.21 0.50
N ASN A 255 28.20 5.70 -0.31
CA ASN A 255 26.80 5.78 0.07
C ASN A 255 26.47 4.87 1.24
N ILE A 256 27.13 3.70 1.33
CA ILE A 256 26.91 2.82 2.48
C ILE A 256 27.24 3.55 3.77
N ARG A 257 28.37 4.27 3.79
CA ARG A 257 28.73 5.06 4.97
C ARG A 257 27.64 6.06 5.31
N TYR A 258 27.07 6.74 4.30
CA TYR A 258 25.99 7.69 4.56
C TYR A 258 24.76 6.98 5.12
N GLN A 259 24.46 5.78 4.62
CA GLN A 259 23.28 5.06 5.11
C GLN A 259 23.47 4.63 6.56
N ILE A 260 24.70 4.24 6.94
CA ILE A 260 24.95 3.88 8.34
C ILE A 260 24.70 5.07 9.24
N ILE A 261 25.26 6.23 8.87
CA ILE A 261 25.02 7.46 9.64
C ILE A 261 23.53 7.76 9.71
N THR A 262 22.85 7.66 8.55
CA THR A 262 21.43 7.96 8.49
C THR A 262 20.64 7.06 9.43
N PHE A 263 20.86 5.75 9.37
CA PHE A 263 20.05 4.85 10.16
C PHE A 263 20.40 4.88 11.64
N LEU A 264 21.64 5.20 11.99
CA LEU A 264 22.00 5.31 13.40
C LEU A 264 21.22 6.43 14.08
N ILE A 265 20.97 7.52 13.37
CA ILE A 265 20.24 8.66 13.91
C ILE A 265 18.74 8.47 13.71
N ALA A 266 18.31 8.34 12.45
CA ALA A 266 16.89 8.16 12.16
C ALA A 266 16.32 6.91 12.82
N GLY A 267 17.14 5.89 13.03
CA GLY A 267 16.64 4.67 13.61
C GLY A 267 16.44 4.68 15.11
N HIS A 268 16.76 5.78 15.81
CA HIS A 268 16.51 5.76 17.25
C HIS A 268 15.91 7.03 17.84
N GLU A 269 16.17 8.22 17.30
CA GLU A 269 15.83 9.43 18.04
C GLU A 269 14.31 9.61 18.13
N THR A 270 13.62 9.54 16.98
CA THR A 270 12.19 9.76 17.00
C THR A 270 11.47 8.65 17.78
N THR A 271 12.02 7.44 17.78
CA THR A 271 11.37 6.35 18.50
C THR A 271 11.53 6.52 20.01
N SER A 272 12.68 7.04 20.46
CA SER A 272 12.83 7.36 21.87
C SER A 272 11.83 8.44 22.30
N GLY A 273 11.68 9.48 21.48
CA GLY A 273 10.68 10.50 21.79
C GLY A 273 9.28 9.93 21.89
N LEU A 274 8.93 9.00 20.98
CA LEU A 274 7.59 8.42 20.99
C LEU A 274 7.34 7.66 22.28
N LEU A 275 8.28 6.79 22.66
CA LEU A 275 8.10 6.04 23.90
C LEU A 275 7.98 6.97 25.10
N SER A 276 8.80 8.04 25.11
CA SER A 276 8.76 9.00 26.21
C SER A 276 7.43 9.73 26.28
N PHE A 277 6.91 10.18 25.14
CA PHE A 277 5.61 10.85 25.15
C PHE A 277 4.49 9.87 25.50
N ALA A 278 4.59 8.63 25.00
CA ALA A 278 3.55 7.64 25.30
C ALA A 278 3.46 7.38 26.80
N LEU A 279 4.61 7.20 27.47
CA LEU A 279 4.58 6.98 28.91
C LEU A 279 4.10 8.23 29.65
N TYR A 280 4.49 9.42 29.16
CA TYR A 280 3.96 10.66 29.72
C TYR A 280 2.43 10.68 29.68
N PHE A 281 1.84 10.43 28.51
CA PHE A 281 0.39 10.51 28.41
C PHE A 281 -0.29 9.42 29.23
N LEU A 282 0.33 8.25 29.34
CA LEU A 282 -0.28 7.18 30.14
C LEU A 282 -0.34 7.57 31.62
N VAL A 283 0.74 8.12 32.17
CA VAL A 283 0.71 8.46 33.59
C VAL A 283 -0.18 9.67 33.86
N LYS A 284 -0.43 10.51 32.84
CA LYS A 284 -1.34 11.64 32.99
C LYS A 284 -2.80 11.24 32.75
N ASN A 285 -3.05 10.01 32.30
CA ASN A 285 -4.40 9.55 31.98
C ASN A 285 -4.58 8.17 32.57
N PRO A 286 -4.82 8.08 33.88
CA PRO A 286 -4.79 6.77 34.56
C PRO A 286 -5.78 5.77 34.01
N HIS A 287 -6.95 6.20 33.54
CA HIS A 287 -7.91 5.25 32.98
C HIS A 287 -7.34 4.61 31.71
N VAL A 288 -6.64 5.39 30.89
CA VAL A 288 -6.01 4.85 29.69
C VAL A 288 -4.88 3.90 30.06
N LEU A 289 -4.07 4.29 31.05
CA LEU A 289 -2.99 3.43 31.50
C LEU A 289 -3.52 2.08 31.98
N GLN A 290 -4.62 2.11 32.73
CA GLN A 290 -5.21 0.87 33.23
C GLN A 290 -5.65 -0.03 32.07
N LYS A 291 -6.26 0.58 31.05
CA LYS A 291 -6.74 -0.20 29.91
C LYS A 291 -5.57 -0.81 29.15
N ALA A 292 -4.48 -0.05 28.96
CA ALA A 292 -3.32 -0.59 28.29
C ALA A 292 -2.63 -1.67 29.12
N ALA A 293 -2.56 -1.47 30.45
CA ALA A 293 -1.94 -2.48 31.31
C ALA A 293 -2.75 -3.76 31.30
N GLU A 294 -4.08 -3.66 31.26
CA GLU A 294 -4.91 -4.85 31.20
C GLU A 294 -4.68 -5.62 29.91
N GLU A 295 -4.50 -4.92 28.78
CA GLU A 295 -4.17 -5.61 27.54
C GLU A 295 -2.82 -6.30 27.64
N ALA A 296 -1.81 -5.60 28.17
CA ALA A 296 -0.49 -6.19 28.29
C ALA A 296 -0.53 -7.45 29.13
N ALA A 297 -1.27 -7.41 30.24
CA ALA A 297 -1.36 -8.57 31.12
C ALA A 297 -2.09 -9.72 30.42
N ARG A 298 -3.09 -9.40 29.60
CA ARG A 298 -3.89 -10.44 28.95
C ARG A 298 -3.10 -11.11 27.83
N VAL A 299 -2.33 -10.33 27.07
CA VAL A 299 -1.69 -10.85 25.87
C VAL A 299 -0.30 -11.42 26.15
N LEU A 300 0.49 -10.76 27.02
CA LEU A 300 1.88 -11.15 27.23
C LEU A 300 1.97 -12.21 28.33
N VAL A 301 1.55 -13.43 27.97
CA VAL A 301 1.45 -14.53 28.92
C VAL A 301 2.74 -15.33 29.05
N ASP A 302 3.76 -15.04 28.26
CA ASP A 302 5.03 -15.74 28.33
C ASP A 302 6.12 -14.86 28.94
N PRO A 303 7.22 -15.46 29.41
CA PRO A 303 8.28 -14.64 30.03
C PRO A 303 8.82 -13.54 29.14
N VAL A 304 8.89 -13.77 27.82
CA VAL A 304 9.27 -12.74 26.86
C VAL A 304 8.25 -12.70 25.74
N PRO A 305 7.88 -11.53 25.23
CA PRO A 305 6.86 -11.46 24.18
C PRO A 305 7.33 -12.11 22.90
N SER A 306 6.40 -12.76 22.21
CA SER A 306 6.64 -13.25 20.87
C SER A 306 6.29 -12.17 19.85
N TYR A 307 6.78 -12.37 18.62
CA TYR A 307 6.43 -11.49 17.52
C TYR A 307 4.91 -11.39 17.36
N LYS A 308 4.22 -12.54 17.38
CA LYS A 308 2.77 -12.54 17.21
C LYS A 308 2.07 -11.81 18.35
N GLN A 309 2.57 -11.96 19.58
CA GLN A 309 1.95 -11.27 20.71
C GLN A 309 2.05 -9.76 20.55
N VAL A 310 3.18 -9.26 20.06
CA VAL A 310 3.33 -7.82 19.83
C VAL A 310 2.29 -7.33 18.84
N LYS A 311 2.03 -8.11 17.78
CA LYS A 311 1.02 -7.74 16.80
C LYS A 311 -0.38 -7.71 17.41
N GLN A 312 -0.58 -8.40 18.52
CA GLN A 312 -1.88 -8.47 19.17
C GLN A 312 -2.08 -7.41 20.25
N LEU A 313 -1.08 -6.57 20.51
CA LEU A 313 -1.23 -5.48 21.49
C LEU A 313 -1.91 -4.30 20.78
N LYS A 314 -3.18 -4.51 20.45
CA LYS A 314 -3.93 -3.56 19.63
C LYS A 314 -4.05 -2.21 20.34
N TYR A 315 -4.46 -2.21 21.60
CA TYR A 315 -4.68 -0.94 22.31
C TYR A 315 -3.35 -0.22 22.55
N VAL A 316 -2.28 -0.97 22.84
CA VAL A 316 -0.96 -0.33 22.96
C VAL A 316 -0.59 0.37 21.66
N GLY A 317 -0.87 -0.26 20.52
CA GLY A 317 -0.59 0.40 19.25
C GLY A 317 -1.39 1.68 19.08
N MET A 318 -2.65 1.68 19.55
CA MET A 318 -3.47 2.88 19.51
C MET A 318 -2.92 3.96 20.43
N VAL A 319 -2.42 3.56 21.61
CA VAL A 319 -1.75 4.51 22.50
C VAL A 319 -0.60 5.19 21.79
N LEU A 320 0.20 4.41 21.07
CA LEU A 320 1.34 4.98 20.35
C LEU A 320 0.89 5.94 19.25
N ASN A 321 -0.15 5.57 18.51
CA ASN A 321 -0.63 6.47 17.46
C ASN A 321 -1.18 7.76 18.05
N GLU A 322 -1.84 7.68 19.20
CA GLU A 322 -2.39 8.88 19.79
C GLU A 322 -1.29 9.76 20.38
N ALA A 323 -0.20 9.16 20.84
CA ALA A 323 0.96 9.96 21.25
C ALA A 323 1.59 10.62 20.03
N LEU A 324 1.66 9.92 18.90
CA LEU A 324 2.15 10.55 17.66
C LEU A 324 1.21 11.62 17.15
N ARG A 325 -0.09 11.50 17.43
CA ARG A 325 -0.99 12.57 17.02
C ARG A 325 -0.65 13.87 17.75
N LEU A 326 -0.59 13.82 19.07
CA LEU A 326 -0.40 15.05 19.84
C LEU A 326 1.02 15.59 19.70
N TRP A 327 2.03 14.72 19.74
CA TRP A 327 3.42 15.15 19.66
C TRP A 327 4.20 14.28 18.67
N PRO A 328 3.96 14.47 17.37
CA PRO A 328 4.75 13.75 16.36
C PRO A 328 6.21 14.12 16.48
N THR A 329 7.06 13.12 16.74
CA THR A 329 8.42 13.44 17.16
C THR A 329 9.29 13.92 16.01
N ALA A 330 8.91 13.61 14.76
CA ALA A 330 9.48 14.32 13.62
C ALA A 330 8.46 15.37 13.22
N PRO A 331 8.64 16.64 13.63
CA PRO A 331 7.50 17.57 13.66
C PRO A 331 7.14 18.20 12.33
N ALA A 332 7.91 18.00 11.28
CA ALA A 332 7.62 18.68 10.02
C ALA A 332 8.29 17.93 8.88
N PHE A 333 7.74 18.13 7.69
CA PHE A 333 8.44 17.78 6.46
C PHE A 333 8.15 18.83 5.41
N SER A 334 8.99 18.86 4.37
CA SER A 334 8.99 19.94 3.40
C SER A 334 8.68 19.40 2.01
N LEU A 335 8.05 20.24 1.20
CA LEU A 335 7.63 19.87 -0.15
C LEU A 335 7.91 21.03 -1.09
N TYR A 336 8.02 20.74 -2.38
CA TYR A 336 8.11 21.78 -3.39
C TYR A 336 7.16 21.47 -4.53
N ALA A 337 6.67 22.52 -5.19
CA ALA A 337 5.74 22.35 -6.29
C ALA A 337 6.48 21.88 -7.53
N LYS A 338 6.02 20.77 -8.11
CA LYS A 338 6.68 20.24 -9.30
C LYS A 338 6.39 21.12 -10.52
N GLU A 339 5.22 21.74 -10.56
CA GLU A 339 4.87 22.70 -11.60
C GLU A 339 4.01 23.79 -10.98
N ASP A 340 3.75 24.84 -11.76
CA ASP A 340 2.77 25.84 -11.36
C ASP A 340 1.47 25.14 -10.99
N THR A 341 0.87 25.58 -9.88
CA THR A 341 -0.35 24.95 -9.40
C THR A 341 -1.02 25.93 -8.44
N VAL A 342 -2.29 25.65 -8.15
CA VAL A 342 -3.09 26.46 -7.22
C VAL A 342 -3.47 25.58 -6.04
N LEU A 343 -3.15 26.05 -4.84
CA LEU A 343 -3.42 25.32 -3.61
C LEU A 343 -4.73 25.80 -3.02
N GLY A 344 -5.62 24.86 -2.69
CA GLY A 344 -6.87 25.20 -2.03
C GLY A 344 -7.80 26.07 -2.84
N GLY A 345 -7.59 26.15 -4.15
CA GLY A 345 -8.38 27.01 -5.00
C GLY A 345 -8.11 28.50 -4.86
N GLU A 346 -7.18 28.91 -4.01
CA GLU A 346 -7.00 30.34 -3.74
C GLU A 346 -5.56 30.77 -3.55
N TYR A 347 -4.60 29.87 -3.37
CA TYR A 347 -3.21 30.27 -3.17
C TYR A 347 -2.36 29.80 -4.36
N PRO A 348 -2.12 30.67 -5.34
CA PRO A 348 -1.32 30.25 -6.50
C PRO A 348 0.14 30.02 -6.15
N LEU A 349 0.69 28.94 -6.67
CA LEU A 349 2.08 28.57 -6.45
C LEU A 349 2.80 28.42 -7.78
N GLU A 350 4.06 28.82 -7.81
CA GLU A 350 4.91 28.65 -8.97
C GLU A 350 5.77 27.40 -8.80
N LYS A 351 6.16 26.82 -9.94
CA LYS A 351 7.11 25.71 -9.95
C LYS A 351 8.29 26.02 -9.04
N GLY A 352 8.59 25.09 -8.12
CA GLY A 352 9.67 25.25 -7.19
C GLY A 352 9.30 25.89 -5.87
N ASP A 353 8.11 26.48 -5.75
CA ASP A 353 7.70 27.05 -4.47
C ASP A 353 7.66 25.98 -3.40
N GLU A 354 8.10 26.33 -2.20
CA GLU A 354 8.23 25.38 -1.11
C GLU A 354 7.08 25.49 -0.11
N LEU A 355 6.76 24.35 0.51
CA LEU A 355 5.77 24.24 1.58
C LEU A 355 6.40 23.53 2.76
N MET A 356 5.93 23.87 3.96
CA MET A 356 6.25 23.13 5.17
C MET A 356 4.96 22.58 5.75
N VAL A 357 4.95 21.28 6.09
CA VAL A 357 3.82 20.67 6.74
C VAL A 357 4.09 20.66 8.24
N LEU A 358 3.27 21.39 9.00
CA LEU A 358 3.44 21.52 10.45
C LEU A 358 2.61 20.43 11.11
N ILE A 359 3.23 19.27 11.34
CA ILE A 359 2.47 18.07 11.71
C ILE A 359 1.71 18.23 13.01
N PRO A 360 2.27 18.77 14.10
CA PRO A 360 1.48 18.88 15.34
C PRO A 360 0.22 19.70 15.16
N GLN A 361 0.23 20.69 14.26
CA GLN A 361 -0.95 21.51 14.05
C GLN A 361 -1.97 20.80 13.18
N LEU A 362 -1.51 20.08 12.13
CA LEU A 362 -2.39 19.22 11.36
C LEU A 362 -3.18 18.28 12.26
N HIS A 363 -2.50 17.67 13.21
CA HIS A 363 -3.08 16.72 14.15
C HIS A 363 -3.99 17.37 15.18
N ARG A 364 -4.11 18.70 15.17
CA ARG A 364 -5.02 19.41 16.06
C ARG A 364 -6.16 20.08 15.27
N ASP A 365 -6.37 19.66 14.02
CA ASP A 365 -7.43 20.21 13.18
C ASP A 365 -8.78 19.77 13.71
N LYS A 366 -9.53 20.72 14.30
CA LYS A 366 -10.80 20.37 14.94
C LYS A 366 -11.86 19.93 13.95
N THR A 367 -11.75 20.31 12.68
CA THR A 367 -12.72 19.83 11.71
C THR A 367 -12.56 18.34 11.44
N ILE A 368 -11.41 17.78 11.78
CA ILE A 368 -11.12 16.37 11.60
C ILE A 368 -11.36 15.59 12.88
N TRP A 369 -10.79 16.04 13.98
CA TRP A 369 -10.76 15.25 15.20
C TRP A 369 -11.85 15.61 16.20
N GLY A 370 -12.59 16.69 15.98
CA GLY A 370 -13.56 17.13 16.97
C GLY A 370 -12.98 18.17 17.90
N ASP A 371 -13.82 18.63 18.83
CA ASP A 371 -13.43 19.74 19.68
C ASP A 371 -12.45 19.34 20.78
N ASP A 372 -12.38 18.07 21.13
CA ASP A 372 -11.48 17.61 22.21
C ASP A 372 -10.08 17.25 21.70
N VAL A 373 -9.53 18.02 20.76
CA VAL A 373 -8.28 17.63 20.11
C VAL A 373 -7.13 17.52 21.09
N GLU A 374 -7.18 18.24 22.21
CA GLU A 374 -6.08 18.20 23.16
C GLU A 374 -6.15 17.01 24.11
N GLU A 375 -7.25 16.27 24.10
CA GLU A 375 -7.39 15.14 25.02
C GLU A 375 -6.74 13.89 24.43
N PHE A 376 -6.19 13.07 25.32
CA PHE A 376 -5.50 11.84 24.92
C PHE A 376 -6.52 10.70 24.93
N ARG A 377 -6.96 10.29 23.74
CA ARG A 377 -7.97 9.25 23.57
C ARG A 377 -7.52 8.28 22.49
N PRO A 378 -6.82 7.20 22.86
CA PRO A 378 -6.38 6.23 21.85
C PRO A 378 -7.52 5.64 21.03
N GLU A 379 -8.74 5.65 21.57
CA GLU A 379 -9.89 5.09 20.86
C GLU A 379 -10.18 5.79 19.54
N ARG A 380 -9.61 6.98 19.30
CA ARG A 380 -9.71 7.62 18.00
C ARG A 380 -9.21 6.73 16.88
N PHE A 381 -8.27 5.84 17.18
CA PHE A 381 -7.60 5.02 16.17
C PHE A 381 -8.12 3.60 16.10
N GLU A 382 -9.32 3.35 16.64
CA GLU A 382 -9.90 2.01 16.56
C GLU A 382 -10.02 1.53 15.12
N ASN A 383 -10.36 2.44 14.21
CA ASN A 383 -10.71 2.06 12.85
C ASN A 383 -10.05 3.02 11.86
N PRO A 384 -9.00 2.58 11.15
CA PRO A 384 -8.33 3.49 10.21
C PRO A 384 -9.23 3.99 9.09
N SER A 385 -10.27 3.22 8.71
CA SER A 385 -11.17 3.68 7.66
C SER A 385 -12.00 4.88 8.09
N ALA A 386 -12.15 5.10 9.40
CA ALA A 386 -12.92 6.23 9.90
C ALA A 386 -12.11 7.53 9.92
N ILE A 387 -10.81 7.45 9.68
CA ILE A 387 -9.94 8.63 9.72
C ILE A 387 -9.85 9.22 8.31
N PRO A 388 -10.15 10.49 8.11
CA PRO A 388 -10.05 11.07 6.77
C PRO A 388 -8.65 10.95 6.18
N GLN A 389 -8.60 10.99 4.85
CA GLN A 389 -7.33 10.81 4.15
C GLN A 389 -6.37 11.95 4.45
N HIS A 390 -5.12 11.60 4.75
CA HIS A 390 -4.03 12.55 5.01
C HIS A 390 -4.26 13.38 6.28
N ALA A 391 -5.11 12.90 7.18
CA ALA A 391 -5.30 13.60 8.45
C ALA A 391 -4.18 13.33 9.44
N PHE A 392 -3.44 12.23 9.25
CA PHE A 392 -2.52 11.71 10.26
C PHE A 392 -1.23 11.37 9.55
N LYS A 393 -0.17 12.18 9.76
CA LYS A 393 1.05 12.04 8.95
C LYS A 393 2.34 12.03 9.77
N PRO A 394 2.41 11.30 10.89
CA PRO A 394 3.64 11.33 11.68
C PRO A 394 4.82 10.65 10.99
N PHE A 395 4.57 9.86 9.93
CA PHE A 395 5.65 9.21 9.20
C PHE A 395 5.84 9.79 7.80
N GLY A 396 5.38 11.01 7.56
CA GLY A 396 5.59 11.61 6.26
C GLY A 396 4.58 11.13 5.24
N ASN A 397 4.96 11.22 3.96
CA ASN A 397 4.01 11.01 2.87
C ASN A 397 4.61 10.26 1.70
N GLY A 398 3.81 9.36 1.11
CA GLY A 398 4.10 8.81 -0.20
C GLY A 398 5.36 7.96 -0.24
N GLN A 399 6.04 8.00 -1.40
CA GLN A 399 7.24 7.20 -1.56
C GLN A 399 8.38 7.69 -0.68
N ARG A 400 8.31 8.93 -0.19
CA ARG A 400 9.31 9.44 0.74
C ARG A 400 8.85 9.34 2.19
N ALA A 401 7.85 8.50 2.47
CA ALA A 401 7.46 8.25 3.83
C ALA A 401 8.55 7.47 4.56
N CYS A 402 8.42 7.40 5.88
CA CYS A 402 9.41 6.75 6.73
C CYS A 402 9.57 5.27 6.37
N ILE A 403 10.78 4.88 5.98
CA ILE A 403 11.02 3.47 5.68
C ILE A 403 11.02 2.61 6.94
N GLY A 404 11.28 3.22 8.10
CA GLY A 404 11.39 2.50 9.35
C GLY A 404 10.13 2.48 10.20
N GLN A 405 8.99 2.87 9.63
CA GLN A 405 7.77 3.04 10.42
C GLN A 405 7.40 1.76 11.16
N GLN A 406 7.38 0.63 10.46
CA GLN A 406 6.97 -0.61 11.12
C GLN A 406 8.02 -1.09 12.11
N PHE A 407 9.30 -0.82 11.83
CA PHE A 407 10.36 -1.10 12.81
C PHE A 407 10.13 -0.32 14.08
N ALA A 408 9.90 0.99 13.95
CA ALA A 408 9.65 1.84 15.11
C ALA A 408 8.44 1.39 15.89
N LEU A 409 7.35 1.05 15.20
CA LEU A 409 6.12 0.72 15.92
C LEU A 409 6.20 -0.65 16.57
N HIS A 410 6.89 -1.60 15.93
CA HIS A 410 7.06 -2.91 16.56
C HIS A 410 7.91 -2.80 17.82
N GLU A 411 9.04 -2.09 17.72
CA GLU A 411 9.89 -1.89 18.89
C GLU A 411 9.14 -1.19 20.01
N ALA A 412 8.42 -0.12 19.69
CA ALA A 412 7.76 0.66 20.73
C ALA A 412 6.60 -0.10 21.34
N THR A 413 5.89 -0.91 20.53
CA THR A 413 4.80 -1.70 21.08
C THR A 413 5.33 -2.80 21.99
N LEU A 414 6.39 -3.48 21.55
CA LEU A 414 7.02 -4.51 22.38
C LEU A 414 7.46 -3.93 23.72
N VAL A 415 8.19 -2.82 23.68
CA VAL A 415 8.79 -2.27 24.89
C VAL A 415 7.72 -1.71 25.81
N LEU A 416 6.77 -0.93 25.26
CA LEU A 416 5.71 -0.40 26.10
C LEU A 416 4.85 -1.52 26.69
N GLY A 417 4.63 -2.58 25.91
CA GLY A 417 3.90 -3.72 26.45
C GLY A 417 4.62 -4.35 27.64
N MET A 418 5.93 -4.56 27.52
CA MET A 418 6.67 -5.15 28.63
C MET A 418 6.69 -4.21 29.83
N MET A 419 6.84 -2.90 29.58
CA MET A 419 6.80 -1.94 30.68
C MET A 419 5.49 -2.02 31.43
N LEU A 420 4.37 -2.07 30.69
CA LEU A 420 3.04 -2.13 31.31
C LEU A 420 2.81 -3.46 32.01
N LYS A 421 3.41 -4.54 31.52
CA LYS A 421 3.25 -5.83 32.16
C LYS A 421 3.97 -5.88 33.50
N HIS A 422 5.16 -5.29 33.58
CA HIS A 422 6.07 -5.56 34.68
C HIS A 422 6.07 -4.50 35.79
N PHE A 423 5.51 -3.32 35.55
CA PHE A 423 5.57 -2.25 36.55
C PHE A 423 4.26 -1.49 36.63
N ASP A 424 3.98 -0.98 37.83
CA ASP A 424 3.06 0.12 38.05
C ASP A 424 3.87 1.41 38.10
N PHE A 425 3.33 2.48 37.52
CA PHE A 425 4.06 3.72 37.37
C PHE A 425 3.43 4.84 38.18
N GLU A 426 4.27 5.72 38.73
CA GLU A 426 3.82 6.86 39.52
C GLU A 426 4.43 8.14 38.98
N ASP A 427 3.59 9.13 38.69
CA ASP A 427 4.02 10.47 38.33
C ASP A 427 4.31 11.24 39.63
N HIS A 428 5.42 10.88 40.27
CA HIS A 428 5.68 11.29 41.65
C HIS A 428 6.02 12.77 41.80
N THR A 429 6.44 13.44 40.73
CA THR A 429 6.74 14.85 40.81
C THR A 429 5.62 15.73 40.26
N ASN A 430 4.51 15.12 39.83
CA ASN A 430 3.47 15.81 39.09
C ASN A 430 4.11 16.61 37.95
N TYR A 431 4.79 15.87 37.08
CA TYR A 431 5.66 16.44 36.07
C TYR A 431 4.92 17.43 35.17
N GLU A 432 5.53 18.59 34.95
CA GLU A 432 5.00 19.63 34.08
C GLU A 432 5.67 19.49 32.71
N LEU A 433 4.86 19.24 31.67
CA LEU A 433 5.42 18.92 30.37
C LEU A 433 6.30 20.05 29.85
N ASP A 434 7.53 19.71 29.48
CA ASP A 434 8.52 20.65 28.96
C ASP A 434 9.16 19.98 27.75
N ILE A 435 8.84 20.47 26.56
CA ILE A 435 9.22 19.80 25.33
C ILE A 435 10.51 20.41 24.81
N LYS A 436 11.58 19.63 24.87
CA LYS A 436 12.87 20.04 24.34
C LYS A 436 12.92 19.74 22.85
N GLU A 437 13.49 20.65 22.08
CA GLU A 437 13.53 20.52 20.63
C GLU A 437 14.97 20.38 20.15
N THR A 438 15.26 19.27 19.49
CA THR A 438 16.43 19.15 18.63
C THR A 438 15.95 19.34 17.19
N LEU A 439 16.21 18.44 16.25
CA LEU A 439 15.31 18.36 15.11
C LEU A 439 14.06 17.56 15.43
N THR A 440 14.02 16.90 16.58
CA THR A 440 12.89 16.12 17.04
C THR A 440 12.42 16.64 18.39
N LEU A 441 11.33 16.06 18.88
CA LEU A 441 10.68 16.49 20.12
C LEU A 441 10.84 15.42 21.19
N LYS A 442 11.01 15.85 22.45
CA LYS A 442 11.00 14.91 23.55
C LYS A 442 10.69 15.64 24.84
N PRO A 443 10.12 14.96 25.83
CA PRO A 443 9.79 15.64 27.09
C PRO A 443 10.95 15.71 28.06
N GLU A 444 11.60 16.87 28.15
CA GLU A 444 12.80 17.01 28.94
C GLU A 444 12.49 16.91 30.43
N GLY A 445 13.31 16.16 31.16
CA GLY A 445 13.16 16.07 32.60
C GLY A 445 12.02 15.18 33.06
N PHE A 446 11.39 14.45 32.16
CA PHE A 446 10.30 13.57 32.54
C PHE A 446 10.86 12.41 33.36
N VAL A 447 10.38 12.29 34.60
CA VAL A 447 10.81 11.24 35.52
C VAL A 447 9.57 10.58 36.11
N VAL A 448 9.70 9.29 36.42
CA VAL A 448 8.66 8.52 37.08
C VAL A 448 9.30 7.57 38.09
N LYS A 449 8.46 7.00 38.94
CA LYS A 449 8.83 5.88 39.79
C LYS A 449 8.08 4.66 39.29
N ALA A 450 8.74 3.50 39.32
CA ALA A 450 8.14 2.27 38.84
C ALA A 450 8.17 1.25 39.98
N LYS A 451 7.00 0.72 40.31
CA LYS A 451 6.88 -0.31 41.34
C LYS A 451 6.69 -1.64 40.64
N SER A 452 7.64 -2.55 40.85
CA SER A 452 7.61 -3.83 40.15
C SER A 452 6.38 -4.63 40.56
N LYS A 453 5.73 -5.25 39.57
CA LYS A 453 4.72 -6.26 39.83
C LYS A 453 5.33 -7.62 40.15
N LYS A 454 6.66 -7.72 40.16
CA LYS A 454 7.38 -8.94 40.53
C LYS A 454 6.97 -10.13 39.67
N ILE A 455 7.00 -9.92 38.36
CA ILE A 455 6.74 -10.97 37.37
C ILE A 455 8.07 -11.33 36.72
N PRO A 456 8.56 -12.55 36.87
CA PRO A 456 9.91 -12.87 36.37
C PRO A 456 9.96 -12.90 34.86
N LEU A 457 11.17 -12.76 34.34
CA LEU A 457 11.42 -12.80 32.90
C LEU A 457 11.86 -14.18 32.46
N ILE B 4 10.66 -35.97 2.38
CA ILE B 4 9.48 -35.48 1.59
C ILE B 4 8.32 -35.22 2.54
N LYS B 5 7.18 -34.78 2.00
CA LYS B 5 5.97 -34.49 2.82
C LYS B 5 4.72 -34.93 2.04
N GLU B 6 3.95 -35.85 2.60
CA GLU B 6 2.73 -36.35 1.96
C GLU B 6 1.67 -35.26 1.90
N MET B 7 1.06 -35.10 0.72
CA MET B 7 0.11 -34.04 0.37
C MET B 7 -1.30 -34.43 0.77
N PRO B 8 -2.04 -33.55 1.45
CA PRO B 8 -3.46 -33.82 1.73
C PRO B 8 -4.28 -33.89 0.46
N GLN B 9 -5.46 -34.51 0.57
CA GLN B 9 -6.36 -34.67 -0.58
C GLN B 9 -7.79 -34.76 -0.08
N PRO B 10 -8.74 -34.07 -0.73
CA PRO B 10 -10.14 -34.14 -0.26
C PRO B 10 -10.82 -35.46 -0.54
N LYS B 11 -12.07 -35.59 -0.08
CA LYS B 11 -12.81 -36.84 -0.16
C LYS B 11 -13.00 -37.29 -1.61
N THR B 12 -13.02 -38.61 -1.81
CA THR B 12 -13.03 -39.22 -3.13
C THR B 12 -14.33 -39.98 -3.38
N PHE B 13 -14.57 -40.27 -4.65
CA PHE B 13 -15.81 -40.88 -5.12
C PHE B 13 -15.49 -42.10 -5.99
N GLY B 14 -14.73 -43.04 -5.42
CA GLY B 14 -14.38 -44.23 -6.17
C GLY B 14 -13.52 -43.91 -7.37
N GLU B 15 -13.86 -44.52 -8.51
CA GLU B 15 -13.09 -44.31 -9.73
C GLU B 15 -13.18 -42.87 -10.24
N LEU B 16 -14.18 -42.11 -9.80
CA LEU B 16 -14.25 -40.70 -10.19
C LEU B 16 -13.30 -39.81 -9.40
N LYS B 17 -12.65 -40.35 -8.36
CA LYS B 17 -11.64 -39.64 -7.56
C LYS B 17 -12.29 -38.37 -7.01
N ASN B 18 -11.71 -37.19 -7.23
CA ASN B 18 -12.26 -35.95 -6.67
C ASN B 18 -13.20 -35.23 -7.63
N LEU B 19 -13.39 -35.74 -8.84
CA LEU B 19 -14.15 -34.99 -9.85
C LEU B 19 -15.55 -34.55 -9.41
N PRO B 20 -16.35 -35.36 -8.70
CA PRO B 20 -17.69 -34.89 -8.30
C PRO B 20 -17.67 -33.70 -7.35
N LEU B 21 -16.54 -33.37 -6.74
CA LEU B 21 -16.47 -32.18 -5.91
C LEU B 21 -16.68 -30.91 -6.74
N LEU B 22 -16.40 -30.97 -8.03
CA LEU B 22 -16.62 -29.84 -8.94
C LEU B 22 -18.03 -29.82 -9.51
N ASN B 23 -18.86 -30.82 -9.19
CA ASN B 23 -20.25 -30.84 -9.64
C ASN B 23 -21.09 -29.99 -8.68
N THR B 24 -20.92 -28.68 -8.84
CA THR B 24 -21.52 -27.66 -7.98
C THR B 24 -21.60 -26.36 -8.75
N ASP B 25 -22.50 -25.48 -8.32
CA ASP B 25 -22.62 -24.18 -8.95
C ASP B 25 -21.50 -23.23 -8.56
N LYS B 26 -20.80 -23.52 -7.47
CA LYS B 26 -19.79 -22.63 -6.93
C LYS B 26 -18.50 -23.40 -6.68
N PRO B 27 -17.81 -23.82 -7.75
CA PRO B 27 -16.61 -24.66 -7.55
C PRO B 27 -15.46 -23.92 -6.91
N VAL B 28 -15.25 -22.63 -7.21
CA VAL B 28 -14.16 -21.91 -6.58
C VAL B 28 -14.38 -21.81 -5.08
N GLN B 29 -15.61 -21.51 -4.67
CA GLN B 29 -15.91 -21.43 -3.25
C GLN B 29 -15.83 -22.79 -2.58
N ALA B 30 -16.19 -23.85 -3.30
CA ALA B 30 -15.97 -25.19 -2.78
C ALA B 30 -14.48 -25.45 -2.56
N LEU B 31 -13.64 -25.03 -3.51
CA LEU B 31 -12.21 -25.25 -3.38
C LEU B 31 -11.62 -24.40 -2.27
N MET B 32 -12.14 -23.21 -2.04
CA MET B 32 -11.67 -22.41 -0.91
C MET B 32 -11.97 -23.10 0.41
N LYS B 33 -13.17 -23.69 0.53
CA LYS B 33 -13.52 -24.40 1.77
C LYS B 33 -12.60 -25.60 1.97
N ILE B 34 -12.26 -26.32 0.90
CA ILE B 34 -11.33 -27.43 0.99
C ILE B 34 -9.95 -26.92 1.44
N ALA B 35 -9.50 -25.80 0.87
CA ALA B 35 -8.23 -25.21 1.27
C ALA B 35 -8.26 -24.78 2.74
N ASP B 36 -9.40 -24.27 3.20
CA ASP B 36 -9.54 -23.93 4.61
C ASP B 36 -9.32 -25.15 5.50
N GLU B 37 -9.80 -26.31 5.06
CA GLU B 37 -9.69 -27.54 5.85
C GLU B 37 -8.32 -28.18 5.72
N LEU B 38 -7.74 -28.20 4.52
CA LEU B 38 -6.53 -28.97 4.26
C LEU B 38 -5.25 -28.15 4.27
N GLY B 39 -5.32 -26.84 4.08
CA GLY B 39 -4.13 -26.02 4.19
C GLY B 39 -3.55 -25.52 2.87
N GLU B 40 -2.23 -25.29 2.87
CA GLU B 40 -1.60 -24.54 1.80
C GLU B 40 -1.48 -25.31 0.50
N ILE B 41 -1.65 -26.63 0.52
CA ILE B 41 -1.53 -27.42 -0.69
C ILE B 41 -2.37 -28.68 -0.54
N PHE B 42 -3.10 -29.02 -1.61
CA PHE B 42 -3.78 -30.31 -1.63
C PHE B 42 -3.83 -30.83 -3.06
N LYS B 43 -3.72 -32.14 -3.19
CA LYS B 43 -3.86 -32.79 -4.49
C LYS B 43 -5.32 -32.94 -4.85
N PHE B 44 -5.61 -32.82 -6.14
CA PHE B 44 -6.95 -32.97 -6.69
C PHE B 44 -6.84 -33.87 -7.90
N GLU B 45 -7.54 -35.01 -7.87
CA GLU B 45 -7.43 -36.00 -8.93
C GLU B 45 -8.77 -36.15 -9.64
N ALA B 46 -8.70 -36.31 -10.95
CA ALA B 46 -9.82 -36.66 -11.79
C ALA B 46 -9.36 -37.79 -12.69
N PRO B 47 -10.28 -38.49 -13.36
CA PRO B 47 -9.86 -39.50 -14.34
C PRO B 47 -8.97 -38.87 -15.40
N GLY B 48 -7.72 -39.33 -15.44
CA GLY B 48 -6.77 -38.84 -16.42
C GLY B 48 -6.11 -37.52 -16.11
N ARG B 49 -6.26 -36.98 -14.90
CA ARG B 49 -5.63 -35.71 -14.56
C ARG B 49 -5.30 -35.64 -13.08
N VAL B 50 -4.15 -35.02 -12.78
CA VAL B 50 -3.74 -34.68 -11.43
C VAL B 50 -3.30 -33.22 -11.42
N THR B 51 -3.73 -32.48 -10.40
CA THR B 51 -3.20 -31.14 -10.17
C THR B 51 -3.10 -30.90 -8.67
N ARG B 52 -2.44 -29.81 -8.30
CA ARG B 52 -2.23 -29.46 -6.91
C ARG B 52 -2.64 -28.01 -6.70
N TYR B 53 -3.53 -27.77 -5.75
CA TYR B 53 -4.05 -26.43 -5.48
C TYR B 53 -3.21 -25.75 -4.40
N LEU B 54 -2.64 -24.60 -4.74
CA LEU B 54 -1.80 -23.83 -3.82
C LEU B 54 -2.57 -22.65 -3.25
N SER B 55 -2.36 -22.39 -1.94
CA SER B 55 -3.07 -21.31 -1.25
C SER B 55 -2.18 -20.41 -0.39
N SER B 56 -0.91 -20.74 -0.18
CA SER B 56 -0.05 -19.93 0.66
C SER B 56 0.91 -19.11 -0.18
N GLN B 57 1.21 -17.90 0.29
CA GLN B 57 2.21 -17.07 -0.37
C GLN B 57 3.57 -17.77 -0.41
N ARG B 58 3.88 -18.58 0.60
CA ARG B 58 5.18 -19.25 0.64
C ARG B 58 5.36 -20.18 -0.57
N LEU B 59 4.32 -20.95 -0.92
CA LEU B 59 4.45 -21.85 -2.06
C LEU B 59 4.19 -21.13 -3.37
N ILE B 60 3.25 -20.18 -3.37
CA ILE B 60 2.88 -19.53 -4.63
C ILE B 60 4.02 -18.66 -5.13
N LYS B 61 4.82 -18.07 -4.23
CA LYS B 61 5.96 -17.27 -4.69
C LYS B 61 6.97 -18.13 -5.44
N GLU B 62 7.15 -19.40 -5.03
CA GLU B 62 7.99 -20.30 -5.81
C GLU B 62 7.33 -20.66 -7.14
N ALA B 63 6.02 -20.89 -7.13
CA ALA B 63 5.33 -21.24 -8.36
C ALA B 63 5.41 -20.11 -9.38
N CYS B 64 5.54 -18.86 -8.92
CA CYS B 64 5.64 -17.72 -9.81
C CYS B 64 7.05 -17.49 -10.34
N ASP B 65 7.99 -18.38 -10.01
CA ASP B 65 9.35 -18.30 -10.55
C ASP B 65 9.32 -18.79 -11.98
N GLU B 66 9.46 -17.88 -12.95
CA GLU B 66 9.29 -18.25 -14.35
C GLU B 66 10.42 -19.13 -14.87
N SER B 67 11.56 -19.20 -14.16
CA SER B 67 12.59 -20.14 -14.57
C SER B 67 12.21 -21.57 -14.24
N ARG B 68 11.27 -21.78 -13.31
CA ARG B 68 10.87 -23.11 -12.89
C ARG B 68 9.50 -23.53 -13.38
N PHE B 69 8.59 -22.58 -13.60
CA PHE B 69 7.21 -22.89 -13.98
C PHE B 69 6.74 -21.97 -15.10
N ASP B 70 5.94 -22.52 -16.02
CA ASP B 70 5.37 -21.78 -17.13
C ASP B 70 3.85 -21.86 -17.03
N LYS B 71 3.16 -20.96 -17.73
CA LYS B 71 1.71 -21.00 -17.73
C LYS B 71 1.20 -22.30 -18.34
N ASN B 72 0.22 -22.92 -17.66
CA ASN B 72 -0.46 -24.10 -18.14
C ASN B 72 -1.88 -23.72 -18.56
N LEU B 73 -2.41 -24.42 -19.56
CA LEU B 73 -3.81 -24.28 -19.91
C LEU B 73 -4.60 -25.24 -19.04
N SER B 74 -5.34 -24.70 -18.08
CA SER B 74 -6.30 -25.48 -17.31
C SER B 74 -7.35 -26.08 -18.24
N GLN B 75 -8.15 -27.00 -17.70
CA GLN B 75 -9.25 -27.52 -18.51
C GLN B 75 -10.22 -26.42 -18.89
N ALA B 76 -10.41 -25.44 -18.01
CA ALA B 76 -11.26 -24.29 -18.34
C ALA B 76 -10.71 -23.53 -19.54
N LEU B 77 -9.40 -23.26 -19.54
CA LEU B 77 -8.79 -22.55 -20.66
C LEU B 77 -8.77 -23.41 -21.93
N LYS B 78 -8.66 -24.72 -21.79
CA LYS B 78 -8.75 -25.58 -22.98
C LYS B 78 -10.14 -25.51 -23.61
N PHE B 79 -11.18 -25.44 -22.77
CA PHE B 79 -12.52 -25.17 -23.28
C PHE B 79 -12.58 -23.85 -24.02
N VAL B 80 -12.10 -22.78 -23.39
CA VAL B 80 -12.10 -21.46 -24.02
C VAL B 80 -11.32 -21.49 -25.34
N ARG B 81 -10.24 -22.28 -25.39
CA ARG B 81 -9.43 -22.37 -26.60
C ARG B 81 -10.22 -22.93 -27.78
N ASP B 82 -11.29 -23.69 -27.51
CA ASP B 82 -12.11 -24.22 -28.61
C ASP B 82 -12.71 -23.12 -29.46
N PHE B 83 -12.86 -21.90 -28.93
CA PHE B 83 -13.30 -20.77 -29.73
C PHE B 83 -12.37 -19.56 -29.70
N ALA B 84 -11.45 -19.48 -28.74
CA ALA B 84 -10.46 -18.40 -28.70
C ALA B 84 -9.12 -18.80 -29.31
N GLY B 85 -8.95 -20.06 -29.71
CA GLY B 85 -7.79 -20.49 -30.48
C GLY B 85 -6.48 -20.16 -29.80
N ASP B 86 -5.51 -19.73 -30.61
CA ASP B 86 -4.23 -19.27 -30.07
C ASP B 86 -4.20 -17.77 -29.88
N GLY B 87 -5.33 -17.19 -29.45
CA GLY B 87 -5.31 -15.84 -28.91
C GLY B 87 -4.44 -15.77 -27.67
N LEU B 88 -4.27 -14.54 -27.17
CA LEU B 88 -3.27 -14.31 -26.14
C LEU B 88 -3.52 -15.13 -24.88
N ALA B 89 -4.78 -15.24 -24.46
CA ALA B 89 -5.06 -15.87 -23.16
C ALA B 89 -5.05 -17.38 -23.22
N THR B 90 -5.23 -17.97 -24.40
CA THR B 90 -5.35 -19.43 -24.50
C THR B 90 -4.23 -20.04 -25.34
N SER B 91 -3.17 -19.30 -25.60
CA SER B 91 -2.01 -19.85 -26.27
C SER B 91 -0.96 -20.29 -25.25
N TRP B 92 -0.21 -21.32 -25.60
CA TRP B 92 0.97 -21.68 -24.83
C TRP B 92 2.09 -20.67 -25.10
N THR B 93 2.93 -20.45 -24.09
CA THR B 93 4.02 -19.50 -24.24
C THR B 93 4.94 -19.86 -25.39
N HIS B 94 5.09 -21.16 -25.67
CA HIS B 94 6.00 -21.63 -26.71
C HIS B 94 5.39 -21.63 -28.11
N GLU B 95 4.11 -21.31 -28.24
CA GLU B 95 3.50 -21.18 -29.56
C GLU B 95 3.92 -19.86 -30.19
N LYS B 96 4.26 -19.91 -31.48
CA LYS B 96 4.78 -18.72 -32.16
C LYS B 96 3.84 -17.52 -32.01
N ASN B 97 2.53 -17.76 -32.09
CA ASN B 97 1.58 -16.66 -32.06
C ASN B 97 1.42 -16.00 -30.69
N TRP B 98 1.92 -16.60 -29.60
CA TRP B 98 1.82 -15.87 -28.33
C TRP B 98 2.77 -14.68 -28.32
N LYS B 99 4.08 -14.94 -28.45
CA LYS B 99 5.05 -13.85 -28.37
C LYS B 99 4.83 -12.83 -29.47
N LYS B 100 4.46 -13.31 -30.67
CA LYS B 100 4.17 -12.41 -31.79
C LYS B 100 3.05 -11.45 -31.46
N ALA B 101 1.90 -11.97 -31.01
CA ALA B 101 0.78 -11.09 -30.66
C ALA B 101 1.10 -10.23 -29.44
N HIS B 102 1.85 -10.80 -28.48
CA HIS B 102 2.26 -10.04 -27.30
C HIS B 102 3.05 -8.80 -27.71
N ASN B 103 4.05 -8.97 -28.58
CA ASN B 103 4.87 -7.84 -29.01
C ASN B 103 4.03 -6.83 -29.78
N ILE B 104 3.08 -7.32 -30.59
CA ILE B 104 2.29 -6.42 -31.43
C ILE B 104 1.29 -5.63 -30.59
N LEU B 105 0.74 -6.24 -29.55
CA LEU B 105 -0.37 -5.63 -28.82
C LEU B 105 0.04 -4.91 -27.54
N LEU B 106 1.21 -5.21 -26.97
CA LEU B 106 1.61 -4.52 -25.76
C LEU B 106 1.63 -3.01 -25.90
N PRO B 107 2.05 -2.41 -27.02
CA PRO B 107 1.95 -0.94 -27.16
C PRO B 107 0.52 -0.43 -27.08
N SER B 108 -0.48 -1.26 -27.37
CA SER B 108 -1.87 -0.84 -27.27
C SER B 108 -2.33 -0.66 -25.84
N PHE B 109 -1.47 -0.93 -24.86
CA PHE B 109 -1.79 -0.70 -23.46
C PHE B 109 -0.75 0.18 -22.77
N SER B 110 0.04 0.90 -23.56
CA SER B 110 0.94 1.93 -23.04
C SER B 110 0.14 3.14 -22.54
N GLN B 111 0.85 4.06 -21.90
CA GLN B 111 0.12 5.20 -21.31
C GLN B 111 -0.29 6.20 -22.38
N GLN B 112 0.48 6.29 -23.47
CA GLN B 112 0.00 7.02 -24.64
C GLN B 112 -1.30 6.42 -25.16
N ALA B 113 -1.42 5.10 -25.10
CA ALA B 113 -2.64 4.42 -25.55
C ALA B 113 -3.79 4.67 -24.58
N MET B 114 -3.54 4.58 -23.27
CA MET B 114 -4.60 4.83 -22.29
C MET B 114 -5.14 6.24 -22.42
N LYS B 115 -4.26 7.22 -22.61
CA LYS B 115 -4.71 8.59 -22.85
C LYS B 115 -5.61 8.65 -24.08
N GLY B 116 -5.35 7.82 -25.08
CA GLY B 116 -6.20 7.78 -26.26
C GLY B 116 -7.53 7.11 -26.04
N TYR B 117 -7.59 6.08 -25.17
CA TYR B 117 -8.85 5.42 -24.87
C TYR B 117 -9.75 6.24 -23.96
N HIS B 118 -9.19 7.18 -23.22
CA HIS B 118 -9.91 7.82 -22.11
C HIS B 118 -11.24 8.43 -22.56
N ALA B 119 -11.23 9.17 -23.67
CA ALA B 119 -12.44 9.85 -24.10
C ALA B 119 -13.57 8.86 -24.41
N MET B 120 -13.23 7.71 -24.97
CA MET B 120 -14.26 6.71 -25.25
C MET B 120 -14.73 6.02 -23.97
N MET B 121 -13.86 5.84 -22.98
CA MET B 121 -14.33 5.33 -21.70
C MET B 121 -15.31 6.31 -21.06
N VAL B 122 -15.03 7.62 -21.16
CA VAL B 122 -15.94 8.62 -20.62
C VAL B 122 -17.29 8.57 -21.34
N ASP B 123 -17.28 8.35 -22.65
CA ASP B 123 -18.51 8.22 -23.42
C ASP B 123 -19.45 7.20 -22.79
N ILE B 124 -18.93 6.00 -22.49
CA ILE B 124 -19.78 4.97 -21.91
C ILE B 124 -20.12 5.29 -20.46
N ALA B 125 -19.15 5.83 -19.71
CA ALA B 125 -19.42 6.14 -18.31
C ALA B 125 -20.54 7.16 -18.17
N VAL B 126 -20.57 8.17 -19.05
CA VAL B 126 -21.64 9.16 -19.04
C VAL B 126 -22.98 8.49 -19.30
N GLN B 127 -23.03 7.53 -20.22
CA GLN B 127 -24.27 6.80 -20.46
C GLN B 127 -24.76 6.08 -19.22
N LEU B 128 -23.83 5.49 -18.44
CA LEU B 128 -24.21 4.86 -17.18
C LEU B 128 -24.78 5.89 -16.20
N VAL B 129 -24.06 6.99 -16.00
CA VAL B 129 -24.52 8.03 -15.08
C VAL B 129 -25.90 8.55 -15.50
N GLN B 130 -26.09 8.78 -16.81
CA GLN B 130 -27.38 9.28 -17.29
C GLN B 130 -28.49 8.27 -17.06
N LYS B 131 -28.23 6.98 -17.26
CA LYS B 131 -29.26 5.97 -16.97
C LYS B 131 -29.73 6.08 -15.52
N TRP B 132 -28.79 6.18 -14.57
CA TRP B 132 -29.17 6.21 -13.17
C TRP B 132 -29.81 7.55 -12.79
N GLU B 133 -29.38 8.64 -13.43
CA GLU B 133 -30.02 9.93 -13.19
C GLU B 133 -31.48 9.91 -13.59
N ARG B 134 -31.83 9.05 -14.55
CA ARG B 134 -33.15 9.04 -15.17
C ARG B 134 -34.09 8.01 -14.55
N LEU B 135 -33.64 7.26 -13.55
CA LEU B 135 -34.53 6.35 -12.86
C LEU B 135 -35.55 7.12 -12.04
N ASN B 136 -36.75 6.54 -11.91
CA ASN B 136 -37.78 7.15 -11.09
C ASN B 136 -37.53 6.88 -9.62
N ALA B 137 -38.31 7.54 -8.77
CA ALA B 137 -38.19 7.32 -7.34
C ALA B 137 -38.52 5.87 -7.01
N ASP B 138 -37.76 5.30 -6.07
CA ASP B 138 -37.93 3.94 -5.56
C ASP B 138 -37.61 2.88 -6.59
N GLU B 139 -37.26 3.23 -7.83
CA GLU B 139 -36.65 2.26 -8.71
C GLU B 139 -35.23 1.97 -8.23
N HIS B 140 -34.72 0.79 -8.58
CA HIS B 140 -33.41 0.37 -8.11
C HIS B 140 -32.50 0.03 -9.28
N ILE B 141 -31.24 -0.24 -8.96
CA ILE B 141 -30.19 -0.54 -9.92
C ILE B 141 -29.84 -2.02 -9.78
N GLU B 142 -29.77 -2.71 -10.92
CA GLU B 142 -29.25 -4.08 -10.96
C GLU B 142 -27.77 -3.95 -11.27
N VAL B 143 -26.92 -4.10 -10.24
CA VAL B 143 -25.54 -3.61 -10.32
C VAL B 143 -24.70 -4.43 -11.30
N PRO B 144 -24.57 -5.76 -11.16
CA PRO B 144 -23.73 -6.47 -12.13
C PRO B 144 -24.25 -6.35 -13.55
N GLU B 145 -25.57 -6.27 -13.73
CA GLU B 145 -26.11 -6.08 -15.07
C GLU B 145 -25.63 -4.77 -15.68
N ASP B 146 -25.73 -3.67 -14.92
CA ASP B 146 -25.31 -2.40 -15.49
C ASP B 146 -23.79 -2.31 -15.61
N MET B 147 -23.05 -2.96 -14.71
CA MET B 147 -21.60 -2.95 -14.85
C MET B 147 -21.16 -3.73 -16.09
N THR B 148 -21.86 -4.82 -16.41
CA THR B 148 -21.55 -5.54 -17.63
C THR B 148 -21.92 -4.72 -18.87
N ARG B 149 -23.05 -4.02 -18.84
CA ARG B 149 -23.37 -3.10 -19.93
C ARG B 149 -22.22 -2.13 -20.16
N LEU B 150 -21.69 -1.56 -19.07
CA LEU B 150 -20.62 -0.58 -19.19
C LEU B 150 -19.33 -1.19 -19.71
N THR B 151 -18.89 -2.31 -19.11
CA THR B 151 -17.58 -2.83 -19.49
C THR B 151 -17.60 -3.45 -20.89
N LEU B 152 -18.71 -4.07 -21.29
CA LEU B 152 -18.81 -4.57 -22.66
C LEU B 152 -18.77 -3.43 -23.65
N ASP B 153 -19.56 -2.38 -23.41
CA ASP B 153 -19.56 -1.23 -24.32
C ASP B 153 -18.18 -0.59 -24.39
N THR B 154 -17.46 -0.54 -23.27
CA THR B 154 -16.16 0.12 -23.26
C THR B 154 -15.13 -0.65 -24.09
N ILE B 155 -15.07 -1.97 -23.93
CA ILE B 155 -14.09 -2.70 -24.74
C ILE B 155 -14.52 -2.68 -26.21
N GLY B 156 -15.83 -2.69 -26.47
CA GLY B 156 -16.27 -2.62 -27.86
C GLY B 156 -15.85 -1.32 -28.52
N LEU B 157 -16.02 -0.20 -27.81
CA LEU B 157 -15.72 1.12 -28.38
C LEU B 157 -14.23 1.41 -28.38
N CYS B 158 -13.57 1.25 -27.23
CA CYS B 158 -12.15 1.59 -27.14
C CYS B 158 -11.30 0.70 -28.03
N GLY B 159 -11.61 -0.60 -28.07
CA GLY B 159 -10.79 -1.53 -28.81
C GLY B 159 -11.08 -1.64 -30.29
N PHE B 160 -12.37 -1.55 -30.65
CA PHE B 160 -12.80 -1.93 -31.99
C PHE B 160 -13.67 -0.89 -32.67
N ASN B 161 -13.90 0.26 -32.03
CA ASN B 161 -14.80 1.29 -32.55
C ASN B 161 -16.14 0.69 -32.95
N TYR B 162 -16.65 -0.20 -32.11
CA TYR B 162 -17.94 -0.86 -32.33
C TYR B 162 -18.83 -0.55 -31.14
N ARG B 163 -20.07 -0.13 -31.40
CA ARG B 163 -21.00 0.22 -30.32
C ARG B 163 -21.95 -0.95 -30.09
N PHE B 164 -21.79 -1.61 -28.95
CA PHE B 164 -22.77 -2.62 -28.56
C PHE B 164 -24.08 -1.98 -28.12
N ASN B 165 -24.05 -0.71 -27.70
CA ASN B 165 -25.25 0.03 -27.32
C ASN B 165 -26.05 -0.72 -26.25
N SER B 166 -25.32 -1.22 -25.23
CA SER B 166 -25.94 -2.06 -24.21
C SER B 166 -26.97 -1.31 -23.37
N PHE B 167 -26.83 0.01 -23.24
CA PHE B 167 -27.78 0.77 -22.45
C PHE B 167 -29.09 1.03 -23.19
N TYR B 168 -29.17 0.62 -24.45
CA TYR B 168 -30.41 0.67 -25.22
C TYR B 168 -31.16 -0.65 -25.20
N ARG B 169 -30.73 -1.60 -24.37
CA ARG B 169 -31.31 -2.94 -24.34
CA ARG B 169 -31.31 -2.94 -24.34
C ARG B 169 -31.70 -3.30 -22.91
N ASP B 170 -32.82 -4.01 -22.77
CA ASP B 170 -33.24 -4.50 -21.48
C ASP B 170 -32.75 -5.92 -21.21
N GLN B 171 -32.43 -6.64 -22.25
CA GLN B 171 -31.86 -7.97 -22.01
C GLN B 171 -30.44 -7.97 -22.55
N PRO B 172 -29.57 -8.90 -22.13
CA PRO B 172 -28.22 -8.95 -22.62
C PRO B 172 -28.18 -9.32 -24.11
N HIS B 173 -27.08 -8.99 -24.77
CA HIS B 173 -26.88 -9.28 -26.22
C HIS B 173 -26.83 -10.78 -26.53
N PRO B 174 -27.12 -11.18 -27.78
CA PRO B 174 -27.02 -12.59 -28.14
C PRO B 174 -25.68 -13.21 -27.75
N PHE B 175 -24.60 -12.53 -28.02
CA PHE B 175 -23.22 -12.99 -27.71
C PHE B 175 -23.17 -13.48 -26.26
N ILE B 176 -23.55 -12.63 -25.34
CA ILE B 176 -23.39 -12.96 -23.89
C ILE B 176 -24.17 -14.19 -23.46
N THR B 177 -25.44 -14.25 -23.87
CA THR B 177 -26.36 -15.32 -23.44
C THR B 177 -25.86 -16.69 -23.93
N SER B 178 -25.46 -16.76 -25.21
CA SER B 178 -24.98 -18.03 -25.82
C SER B 178 -23.73 -18.54 -25.09
N MET B 179 -22.77 -17.65 -24.83
CA MET B 179 -21.50 -18.02 -24.19
C MET B 179 -21.79 -18.59 -22.80
N VAL B 180 -22.74 -18.08 -22.05
CA VAL B 180 -23.00 -18.70 -20.73
C VAL B 180 -23.49 -20.16 -20.91
N ARG B 181 -24.35 -20.39 -21.90
CA ARG B 181 -24.93 -21.74 -22.19
C ARG B 181 -23.85 -22.72 -22.65
N ALA B 182 -22.90 -22.23 -23.45
CA ALA B 182 -21.76 -23.05 -23.91
C ALA B 182 -20.94 -23.43 -22.67
N LEU B 183 -20.68 -22.47 -21.80
CA LEU B 183 -19.92 -22.77 -20.58
C LEU B 183 -20.72 -23.75 -19.73
N ASP B 184 -22.02 -23.56 -19.63
CA ASP B 184 -22.86 -24.46 -18.81
C ASP B 184 -22.74 -25.89 -19.35
N GLU B 185 -22.81 -26.02 -20.65
CA GLU B 185 -22.67 -27.34 -21.32
C GLU B 185 -21.27 -27.88 -21.05
N ALA B 186 -20.24 -27.05 -21.24
CA ALA B 186 -18.87 -27.52 -21.04
C ALA B 186 -18.69 -28.13 -19.65
N MET B 187 -19.26 -27.47 -18.67
CA MET B 187 -19.08 -27.95 -17.28
C MET B 187 -19.87 -29.25 -17.09
N ASN B 188 -21.05 -29.35 -17.71
CA ASN B 188 -21.88 -30.58 -17.63
C ASN B 188 -21.12 -31.76 -18.27
N LYS B 189 -20.48 -31.54 -19.41
CA LYS B 189 -19.78 -32.64 -20.14
C LYS B 189 -18.60 -33.17 -19.32
N LEU B 190 -18.04 -32.35 -18.44
CA LEU B 190 -16.91 -32.80 -17.57
C LEU B 190 -17.38 -33.96 -16.68
N GLN B 191 -18.62 -33.91 -16.22
CA GLN B 191 -19.09 -34.97 -15.31
C GLN B 191 -19.66 -36.14 -16.10
N ARG B 192 -19.47 -36.17 -17.41
CA ARG B 192 -20.05 -37.30 -18.18
C ARG B 192 -18.96 -38.33 -18.46
N ALA B 193 -19.23 -39.56 -18.05
CA ALA B 193 -18.34 -40.71 -18.29
C ALA B 193 -18.26 -41.01 -19.78
N ASN B 194 -19.38 -40.89 -20.50
CA ASN B 194 -19.44 -41.19 -21.96
C ASN B 194 -20.01 -40.00 -22.74
N PRO B 195 -19.22 -38.94 -22.95
CA PRO B 195 -19.65 -37.73 -23.62
C PRO B 195 -20.10 -37.96 -25.07
N ASP B 196 -19.44 -38.90 -25.74
CA ASP B 196 -19.75 -39.23 -27.15
C ASP B 196 -20.97 -40.15 -27.22
N ASP B 197 -21.70 -40.35 -26.13
CA ASP B 197 -22.91 -41.18 -26.27
C ASP B 197 -23.90 -40.36 -27.10
N PRO B 198 -24.59 -40.90 -28.10
CA PRO B 198 -25.57 -40.07 -28.77
C PRO B 198 -26.63 -39.84 -27.70
N ASN B 203 -27.11 -31.24 -28.07
CA ASN B 203 -26.21 -30.70 -27.01
C ASN B 203 -24.92 -30.24 -27.69
N LYS B 204 -24.36 -31.11 -28.51
CA LYS B 204 -23.13 -30.82 -29.27
C LYS B 204 -23.41 -29.70 -30.27
N ARG B 205 -24.58 -29.70 -30.86
CA ARG B 205 -25.02 -28.75 -31.93
C ARG B 205 -25.11 -27.31 -31.45
N GLN B 206 -25.71 -27.05 -30.28
CA GLN B 206 -25.81 -25.69 -29.69
C GLN B 206 -24.43 -25.04 -29.51
N PHE B 207 -23.44 -25.81 -29.09
CA PHE B 207 -22.08 -25.26 -28.84
C PHE B 207 -21.52 -24.73 -30.15
N GLN B 208 -21.73 -25.48 -31.24
CA GLN B 208 -21.28 -25.08 -32.58
C GLN B 208 -22.06 -23.85 -33.03
N GLU B 209 -23.34 -23.77 -32.64
CA GLU B 209 -24.18 -22.59 -32.93
C GLU B 209 -23.59 -21.37 -32.20
N ASP B 210 -23.24 -21.57 -30.93
CA ASP B 210 -22.66 -20.49 -30.09
C ASP B 210 -21.33 -20.07 -30.73
N ILE B 211 -20.53 -21.00 -31.20
CA ILE B 211 -19.26 -20.58 -31.84
C ILE B 211 -19.54 -19.70 -33.08
N LYS B 212 -20.67 -19.93 -33.75
CA LYS B 212 -21.09 -19.17 -34.95
C LYS B 212 -21.58 -17.76 -34.61
N VAL B 213 -22.39 -17.58 -33.56
CA VAL B 213 -22.87 -16.21 -33.23
C VAL B 213 -21.67 -15.28 -33.08
N MET B 214 -20.70 -15.69 -32.30
CA MET B 214 -19.52 -14.84 -32.08
C MET B 214 -18.78 -14.61 -33.40
N ASN B 215 -18.69 -15.60 -34.26
CA ASN B 215 -18.00 -15.30 -35.53
C ASN B 215 -18.75 -14.24 -36.35
N ASP B 216 -20.06 -14.20 -36.26
CA ASP B 216 -20.85 -13.19 -37.02
C ASP B 216 -20.48 -11.76 -36.56
N LEU B 217 -20.43 -11.54 -35.26
CA LEU B 217 -20.03 -10.22 -34.72
C LEU B 217 -18.59 -9.92 -35.14
N VAL B 218 -17.71 -10.90 -35.11
CA VAL B 218 -16.30 -10.63 -35.50
C VAL B 218 -16.21 -10.19 -36.96
N ASP B 219 -16.94 -10.83 -37.86
CA ASP B 219 -16.83 -10.43 -39.30
C ASP B 219 -17.33 -8.99 -39.44
N LYS B 220 -18.42 -8.68 -38.76
CA LYS B 220 -18.99 -7.31 -38.82
C LYS B 220 -17.98 -6.30 -38.29
N ILE B 221 -17.30 -6.62 -37.19
CA ILE B 221 -16.30 -5.67 -36.67
C ILE B 221 -15.20 -5.48 -37.69
N ILE B 222 -14.74 -6.56 -38.32
CA ILE B 222 -13.59 -6.39 -39.26
C ILE B 222 -13.99 -5.61 -40.51
N ALA B 223 -15.12 -5.98 -41.11
CA ALA B 223 -15.45 -5.37 -42.42
C ALA B 223 -15.64 -3.87 -42.26
N ASP B 224 -16.35 -3.50 -41.20
CA ASP B 224 -16.61 -2.07 -40.88
C ASP B 224 -15.29 -1.31 -40.87
N ARG B 225 -14.28 -1.82 -40.20
CA ARG B 225 -13.02 -1.07 -40.16
C ARG B 225 -12.46 -0.86 -41.57
N GLN B 231 -10.46 6.52 -40.26
CA GLN B 231 -9.12 6.67 -39.63
C GLN B 231 -9.24 6.42 -38.12
N SER B 232 -8.64 5.34 -37.62
CA SER B 232 -8.73 5.06 -36.17
C SER B 232 -7.37 4.57 -35.64
N ASP B 233 -7.00 4.72 -34.40
CA ASP B 233 -5.75 4.19 -33.82
C ASP B 233 -6.07 3.43 -32.53
N ASP B 234 -6.86 2.37 -32.62
CA ASP B 234 -7.28 1.56 -31.45
C ASP B 234 -6.67 0.16 -31.50
N LEU B 235 -7.16 -0.74 -30.68
CA LEU B 235 -6.65 -2.12 -30.59
C LEU B 235 -6.77 -2.83 -31.93
N LEU B 236 -7.92 -2.71 -32.60
CA LEU B 236 -8.11 -3.36 -33.89
C LEU B 236 -7.15 -2.79 -34.94
N THR B 237 -6.83 -1.50 -34.87
CA THR B 237 -5.85 -0.92 -35.77
C THR B 237 -4.50 -1.62 -35.64
N HIS B 238 -4.03 -1.81 -34.41
CA HIS B 238 -2.76 -2.49 -34.20
C HIS B 238 -2.82 -3.94 -34.65
N MET B 239 -3.94 -4.62 -34.38
CA MET B 239 -4.11 -5.98 -34.85
C MET B 239 -3.93 -6.06 -36.37
N LEU B 240 -4.50 -5.10 -37.10
CA LEU B 240 -4.52 -5.16 -38.55
C LEU B 240 -3.25 -4.62 -39.20
N ASN B 241 -2.52 -3.74 -38.51
CA ASN B 241 -1.38 -3.07 -39.12
C ASN B 241 -0.06 -3.27 -38.39
N GLY B 242 -0.09 -3.67 -37.12
CA GLY B 242 1.15 -3.78 -36.36
C GLY B 242 2.00 -4.93 -36.83
N LYS B 243 3.32 -4.75 -36.72
CA LYS B 243 4.28 -5.79 -37.06
C LYS B 243 5.12 -6.14 -35.83
N ASP B 244 5.31 -7.43 -35.63
CA ASP B 244 6.15 -7.91 -34.54
C ASP B 244 7.61 -7.59 -34.84
N PRO B 245 8.31 -6.83 -33.99
CA PRO B 245 9.71 -6.50 -34.31
C PRO B 245 10.61 -7.73 -34.43
N GLU B 246 10.30 -8.84 -33.74
CA GLU B 246 11.19 -9.99 -33.78
C GLU B 246 11.07 -10.73 -35.12
N THR B 247 9.86 -11.18 -35.46
CA THR B 247 9.67 -11.89 -36.73
C THR B 247 9.51 -10.95 -37.91
N GLY B 248 9.23 -9.67 -37.66
CA GLY B 248 8.90 -8.73 -38.70
C GLY B 248 7.53 -8.91 -39.32
N GLU B 249 6.70 -9.86 -38.78
CA GLU B 249 5.43 -10.26 -39.37
C GLU B 249 4.26 -9.59 -38.67
N PRO B 250 3.19 -9.32 -39.40
CA PRO B 250 1.92 -8.95 -38.78
C PRO B 250 1.12 -10.22 -38.44
N LEU B 251 0.08 -10.04 -37.65
CA LEU B 251 -0.81 -11.16 -37.35
C LEU B 251 -1.55 -11.58 -38.61
N ASP B 252 -1.78 -12.88 -38.75
CA ASP B 252 -2.57 -13.35 -39.89
C ASP B 252 -4.06 -13.26 -39.59
N ASP B 253 -4.87 -13.41 -40.63
CA ASP B 253 -6.31 -13.22 -40.51
C ASP B 253 -6.91 -14.14 -39.45
N GLU B 254 -6.46 -15.39 -39.41
CA GLU B 254 -7.03 -16.34 -38.46
C GLU B 254 -6.76 -15.92 -37.02
N ASN B 255 -5.52 -15.52 -36.73
CA ASN B 255 -5.19 -15.14 -35.36
C ASN B 255 -5.87 -13.84 -34.97
N ILE B 256 -6.03 -12.91 -35.92
CA ILE B 256 -6.76 -11.67 -35.62
C ILE B 256 -8.17 -11.98 -35.13
N ARG B 257 -8.86 -12.91 -35.81
CA ARG B 257 -10.20 -13.30 -35.36
C ARG B 257 -10.18 -13.84 -33.93
N TYR B 258 -9.18 -14.66 -33.61
CA TYR B 258 -9.08 -15.19 -32.26
C TYR B 258 -8.81 -14.09 -31.23
N GLN B 259 -8.00 -13.09 -31.61
CA GLN B 259 -7.74 -11.99 -30.68
C GLN B 259 -8.98 -11.16 -30.43
N ILE B 260 -9.79 -10.94 -31.46
CA ILE B 260 -11.03 -10.18 -31.28
C ILE B 260 -11.94 -10.88 -30.29
N ILE B 261 -12.12 -12.20 -30.49
CA ILE B 261 -12.92 -13.00 -29.56
C ILE B 261 -12.33 -12.93 -28.16
N THR B 262 -11.00 -13.05 -28.06
CA THR B 262 -10.34 -13.03 -26.76
C THR B 262 -10.58 -11.71 -26.03
N PHE B 263 -10.36 -10.59 -26.70
CA PHE B 263 -10.47 -9.30 -26.02
C PHE B 263 -11.91 -8.89 -25.75
N LEU B 264 -12.85 -9.33 -26.59
CA LEU B 264 -14.25 -9.01 -26.28
C LEU B 264 -14.71 -9.65 -24.97
N ILE B 265 -14.23 -10.85 -24.66
CA ILE B 265 -14.61 -11.54 -23.44
C ILE B 265 -13.70 -11.12 -22.30
N ALA B 266 -12.39 -11.33 -22.47
CA ALA B 266 -11.44 -10.97 -21.42
C ALA B 266 -11.48 -9.48 -21.11
N GLY B 267 -11.83 -8.66 -22.09
CA GLY B 267 -11.83 -7.22 -21.89
C GLY B 267 -13.03 -6.66 -21.15
N HIS B 268 -13.99 -7.49 -20.72
CA HIS B 268 -15.12 -6.92 -19.98
C HIS B 268 -15.59 -7.74 -18.78
N GLU B 269 -15.48 -9.07 -18.78
CA GLU B 269 -16.19 -9.84 -17.74
C GLU B 269 -15.58 -9.61 -16.37
N THR B 270 -14.27 -9.77 -16.24
CA THR B 270 -13.64 -9.59 -14.93
C THR B 270 -13.74 -8.15 -14.44
N THR B 271 -13.74 -7.18 -15.37
CA THR B 271 -13.83 -5.78 -14.94
C THR B 271 -15.24 -5.48 -14.43
N SER B 272 -16.26 -6.06 -15.05
CA SER B 272 -17.61 -5.89 -14.53
C SER B 272 -17.73 -6.47 -13.12
N GLY B 273 -17.16 -7.65 -12.90
CA GLY B 273 -17.17 -8.24 -11.57
C GLY B 273 -16.49 -7.34 -10.55
N LEU B 274 -15.36 -6.76 -10.92
CA LEU B 274 -14.63 -5.89 -9.99
C LEU B 274 -15.47 -4.70 -9.57
N LEU B 275 -16.07 -4.01 -10.55
CA LEU B 275 -16.92 -2.87 -10.21
C LEU B 275 -18.08 -3.29 -9.32
N SER B 276 -18.67 -4.44 -9.60
CA SER B 276 -19.80 -4.92 -8.81
C SER B 276 -19.38 -5.23 -7.36
N PHE B 277 -18.24 -5.91 -7.19
CA PHE B 277 -17.77 -6.21 -5.84
C PHE B 277 -17.35 -4.94 -5.10
N ALA B 278 -16.72 -4.00 -5.82
CA ALA B 278 -16.30 -2.77 -5.18
C ALA B 278 -17.50 -2.00 -4.63
N LEU B 279 -18.58 -1.90 -5.43
CA LEU B 279 -19.75 -1.20 -4.93
C LEU B 279 -20.39 -1.95 -3.77
N TYR B 280 -20.40 -3.29 -3.85
CA TYR B 280 -20.89 -4.08 -2.73
C TYR B 280 -20.14 -3.73 -1.45
N PHE B 281 -18.81 -3.74 -1.51
CA PHE B 281 -18.04 -3.49 -0.30
C PHE B 281 -18.22 -2.05 0.19
N LEU B 282 -18.40 -1.10 -0.73
CA LEU B 282 -18.62 0.28 -0.32
C LEU B 282 -19.91 0.43 0.47
N VAL B 283 -21.00 -0.16 -0.03
CA VAL B 283 -22.28 0.02 0.67
C VAL B 283 -22.32 -0.77 1.97
N LYS B 284 -21.49 -1.80 2.11
CA LYS B 284 -21.42 -2.54 3.37
C LYS B 284 -20.46 -1.92 4.37
N ASN B 285 -19.69 -0.90 3.97
CA ASN B 285 -18.67 -0.29 4.83
C ASN B 285 -18.76 1.22 4.70
N PRO B 286 -19.74 1.83 5.39
CA PRO B 286 -20.03 3.26 5.17
C PRO B 286 -18.86 4.20 5.43
N HIS B 287 -17.96 3.88 6.37
CA HIS B 287 -16.81 4.75 6.58
C HIS B 287 -15.94 4.80 5.33
N VAL B 288 -15.76 3.65 4.68
CA VAL B 288 -14.96 3.59 3.47
C VAL B 288 -15.66 4.35 2.34
N LEU B 289 -16.98 4.15 2.21
CA LEU B 289 -17.74 4.86 1.18
C LEU B 289 -17.62 6.36 1.33
N GLN B 290 -17.71 6.86 2.57
CA GLN B 290 -17.57 8.30 2.79
C GLN B 290 -16.21 8.81 2.35
N LYS B 291 -15.16 8.07 2.67
CA LYS B 291 -13.81 8.48 2.32
C LYS B 291 -13.60 8.46 0.82
N ALA B 292 -14.12 7.43 0.14
CA ALA B 292 -14.00 7.37 -1.30
C ALA B 292 -14.82 8.47 -1.97
N ALA B 293 -16.02 8.73 -1.47
CA ALA B 293 -16.86 9.78 -2.05
C ALA B 293 -16.24 11.15 -1.85
N GLU B 294 -15.58 11.37 -0.72
CA GLU B 294 -14.92 12.66 -0.50
C GLU B 294 -13.81 12.86 -1.51
N GLU B 295 -13.05 11.81 -1.82
CA GLU B 295 -12.00 11.93 -2.82
C GLU B 295 -12.58 12.25 -4.19
N ALA B 296 -13.63 11.52 -4.59
CA ALA B 296 -14.23 11.74 -5.90
C ALA B 296 -14.71 13.17 -6.05
N ALA B 297 -15.36 13.72 -5.02
CA ALA B 297 -15.85 15.09 -5.10
C ALA B 297 -14.71 16.10 -5.17
N ARG B 298 -13.63 15.83 -4.44
CA ARG B 298 -12.51 16.77 -4.38
CA ARG B 298 -12.50 16.76 -4.37
C ARG B 298 -11.72 16.75 -5.68
N VAL B 299 -11.56 15.59 -6.30
CA VAL B 299 -10.68 15.45 -7.46
C VAL B 299 -11.43 15.72 -8.77
N LEU B 300 -12.66 15.22 -8.90
CA LEU B 300 -13.40 15.31 -10.15
C LEU B 300 -14.19 16.61 -10.22
N VAL B 301 -13.45 17.70 -10.44
CA VAL B 301 -14.04 19.07 -10.35
C VAL B 301 -14.65 19.54 -11.67
N ASP B 302 -14.47 18.79 -12.74
CA ASP B 302 -15.03 19.19 -14.05
C ASP B 302 -16.20 18.29 -14.40
N PRO B 303 -17.06 18.70 -15.32
CA PRO B 303 -18.20 17.89 -15.71
C PRO B 303 -17.78 16.52 -16.23
N VAL B 304 -16.69 16.41 -16.97
CA VAL B 304 -16.19 15.04 -17.25
C VAL B 304 -14.73 14.93 -16.83
N PRO B 305 -14.36 13.80 -16.23
CA PRO B 305 -13.05 13.62 -15.73
C PRO B 305 -12.00 13.59 -16.85
N SER B 306 -10.86 14.15 -16.53
CA SER B 306 -9.72 14.06 -17.44
C SER B 306 -8.88 12.84 -17.06
N TYR B 307 -8.02 12.43 -17.97
CA TYR B 307 -7.10 11.34 -17.68
C TYR B 307 -6.29 11.62 -16.42
N LYS B 308 -5.74 12.83 -16.29
CA LYS B 308 -4.91 13.14 -15.13
C LYS B 308 -5.72 13.09 -13.83
N GLN B 309 -6.99 13.52 -13.88
CA GLN B 309 -7.81 13.47 -12.68
C GLN B 309 -8.04 12.04 -12.22
N VAL B 310 -8.28 11.12 -13.15
CA VAL B 310 -8.47 9.72 -12.77
C VAL B 310 -7.23 9.19 -12.07
N LYS B 311 -6.05 9.59 -12.53
CA LYS B 311 -4.82 9.14 -11.89
C LYS B 311 -4.68 9.66 -10.47
N GLN B 312 -5.41 10.71 -10.10
CA GLN B 312 -5.36 11.25 -8.75
C GLN B 312 -6.34 10.58 -7.80
N LEU B 313 -7.17 9.65 -8.28
CA LEU B 313 -8.13 8.97 -7.42
C LEU B 313 -7.45 7.82 -6.67
N LYS B 314 -6.54 8.19 -5.77
CA LYS B 314 -5.72 7.22 -5.08
C LYS B 314 -6.55 6.27 -4.22
N TYR B 315 -7.45 6.84 -3.40
CA TYR B 315 -8.23 6.00 -2.49
C TYR B 315 -9.21 5.13 -3.27
N VAL B 316 -9.79 5.65 -4.35
CA VAL B 316 -10.64 4.80 -5.20
C VAL B 316 -9.83 3.61 -5.70
N GLY B 317 -8.58 3.85 -6.11
CA GLY B 317 -7.72 2.74 -6.52
C GLY B 317 -7.47 1.76 -5.39
N MET B 318 -7.34 2.26 -4.15
CA MET B 318 -7.18 1.38 -3.00
C MET B 318 -8.43 0.55 -2.77
N VAL B 319 -9.61 1.15 -2.94
CA VAL B 319 -10.87 0.41 -2.84
C VAL B 319 -10.90 -0.72 -3.86
N LEU B 320 -10.48 -0.44 -5.10
CA LEU B 320 -10.49 -1.48 -6.13
C LEU B 320 -9.51 -2.59 -5.81
N ASN B 321 -8.31 -2.27 -5.33
CA ASN B 321 -7.36 -3.34 -5.00
C ASN B 321 -7.86 -4.19 -3.85
N GLU B 322 -8.54 -3.57 -2.87
CA GLU B 322 -9.01 -4.35 -1.73
C GLU B 322 -10.20 -5.21 -2.13
N ALA B 323 -11.00 -4.76 -3.11
CA ALA B 323 -12.04 -5.63 -3.66
C ALA B 323 -11.42 -6.79 -4.42
N LEU B 324 -10.34 -6.54 -5.17
CA LEU B 324 -9.64 -7.62 -5.84
C LEU B 324 -8.95 -8.56 -4.85
N ARG B 325 -8.57 -8.04 -3.68
CA ARG B 325 -7.97 -8.94 -2.69
C ARG B 325 -9.00 -9.97 -2.24
N LEU B 326 -10.17 -9.51 -1.82
CA LEU B 326 -11.15 -10.45 -1.25
C LEU B 326 -11.78 -11.32 -2.33
N TRP B 327 -12.13 -10.75 -3.48
CA TRP B 327 -12.82 -11.51 -4.55
C TRP B 327 -12.17 -11.24 -5.90
N PRO B 328 -10.97 -11.78 -6.12
CA PRO B 328 -10.34 -11.66 -7.44
C PRO B 328 -11.20 -12.33 -8.50
N THR B 329 -11.63 -11.53 -9.47
CA THR B 329 -12.70 -12.00 -10.35
C THR B 329 -12.22 -13.02 -11.38
N ALA B 330 -10.92 -13.09 -11.67
CA ALA B 330 -10.35 -14.26 -12.31
C ALA B 330 -9.71 -15.10 -11.21
N PRO B 331 -10.38 -16.13 -10.70
CA PRO B 331 -10.02 -16.66 -9.38
C PRO B 331 -8.84 -17.62 -9.37
N ALA B 332 -8.29 -18.01 -10.52
CA ALA B 332 -7.21 -18.98 -10.51
C ALA B 332 -6.42 -18.87 -11.81
N PHE B 333 -5.17 -19.34 -11.74
CA PHE B 333 -4.39 -19.62 -12.94
C PHE B 333 -3.56 -20.88 -12.71
N SER B 334 -3.09 -21.46 -13.81
CA SER B 334 -2.47 -22.77 -13.78
C SER B 334 -1.03 -22.69 -14.29
N LEU B 335 -0.19 -23.58 -13.76
CA LEU B 335 1.23 -23.61 -14.08
C LEU B 335 1.67 -25.05 -14.25
N TYR B 336 2.78 -25.25 -14.96
CA TYR B 336 3.40 -26.57 -15.05
C TYR B 336 4.89 -26.45 -14.80
N ALA B 337 5.48 -27.51 -14.25
CA ALA B 337 6.90 -27.52 -13.95
C ALA B 337 7.70 -27.69 -15.23
N LYS B 338 8.64 -26.78 -15.48
CA LYS B 338 9.44 -26.86 -16.68
C LYS B 338 10.44 -28.01 -16.61
N GLU B 339 10.93 -28.33 -15.41
CA GLU B 339 11.80 -29.48 -15.18
C GLU B 339 11.46 -30.06 -13.82
N ASP B 340 12.05 -31.23 -13.51
CA ASP B 340 11.99 -31.74 -12.16
C ASP B 340 12.43 -30.67 -11.17
N THR B 341 11.69 -30.54 -10.07
CA THR B 341 11.98 -29.52 -9.09
C THR B 341 11.28 -29.91 -7.80
N VAL B 342 11.70 -29.26 -6.70
CA VAL B 342 11.12 -29.49 -5.38
C VAL B 342 10.45 -28.21 -4.93
N LEU B 343 9.17 -28.32 -4.58
CA LEU B 343 8.39 -27.16 -4.16
C LEU B 343 8.42 -27.03 -2.64
N GLY B 344 8.77 -25.85 -2.15
CA GLY B 344 8.76 -25.59 -0.73
C GLY B 344 9.72 -26.42 0.08
N GLY B 345 10.70 -27.03 -0.57
CA GLY B 345 11.62 -27.94 0.11
C GLY B 345 11.02 -29.26 0.52
N GLU B 346 9.75 -29.53 0.20
CA GLU B 346 9.07 -30.71 0.74
C GLU B 346 8.19 -31.43 -0.27
N TYR B 347 7.84 -30.83 -1.39
CA TYR B 347 6.97 -31.47 -2.38
C TYR B 347 7.71 -31.66 -3.70
N PRO B 348 8.27 -32.84 -3.95
CA PRO B 348 8.96 -33.05 -5.22
C PRO B 348 7.97 -33.11 -6.38
N LEU B 349 8.31 -32.42 -7.46
CA LEU B 349 7.50 -32.38 -8.66
C LEU B 349 8.31 -32.88 -9.85
N GLU B 350 7.65 -33.59 -10.75
CA GLU B 350 8.28 -34.03 -11.98
C GLU B 350 7.93 -33.06 -13.10
N LYS B 351 8.84 -32.98 -14.09
CA LYS B 351 8.60 -32.18 -15.29
C LYS B 351 7.20 -32.41 -15.83
N GLY B 352 6.47 -31.31 -16.04
CA GLY B 352 5.11 -31.38 -16.55
C GLY B 352 4.03 -31.40 -15.49
N ASP B 353 4.37 -31.62 -14.23
CA ASP B 353 3.39 -31.61 -13.16
C ASP B 353 2.69 -30.25 -13.09
N GLU B 354 1.38 -30.28 -12.84
CA GLU B 354 0.55 -29.08 -12.87
C GLU B 354 0.30 -28.53 -11.46
N LEU B 355 0.13 -27.21 -11.39
CA LEU B 355 -0.26 -26.51 -10.18
C LEU B 355 -1.42 -25.58 -10.51
N MET B 356 -2.29 -25.35 -9.53
CA MET B 356 -3.33 -24.34 -9.61
C MET B 356 -3.11 -23.33 -8.50
N VAL B 357 -3.12 -22.05 -8.84
CA VAL B 357 -3.01 -20.99 -7.84
C VAL B 357 -4.43 -20.53 -7.51
N LEU B 358 -4.83 -20.73 -6.26
CA LEU B 358 -6.18 -20.39 -5.79
C LEU B 358 -6.13 -18.97 -5.24
N ILE B 359 -6.40 -17.99 -6.11
CA ILE B 359 -6.11 -16.60 -5.76
C ILE B 359 -6.89 -16.12 -4.53
N PRO B 360 -8.19 -16.39 -4.38
CA PRO B 360 -8.86 -15.90 -3.17
C PRO B 360 -8.26 -16.44 -1.88
N GLN B 361 -7.67 -17.64 -1.91
CA GLN B 361 -7.05 -18.16 -0.70
C GLN B 361 -5.69 -17.54 -0.45
N LEU B 362 -4.89 -17.36 -1.51
CA LEU B 362 -3.65 -16.60 -1.39
C LEU B 362 -3.89 -15.27 -0.71
N HIS B 363 -4.93 -14.58 -1.13
CA HIS B 363 -5.28 -13.26 -0.60
C HIS B 363 -5.86 -13.32 0.81
N ARG B 364 -6.05 -14.52 1.37
CA ARG B 364 -6.51 -14.67 2.75
C ARG B 364 -5.44 -15.29 3.63
N ASP B 365 -4.19 -15.28 3.18
CA ASP B 365 -3.06 -15.83 3.93
C ASP B 365 -2.80 -14.93 5.14
N LYS B 366 -3.14 -15.41 6.34
CA LYS B 366 -3.02 -14.57 7.53
C LYS B 366 -1.56 -14.28 7.90
N THR B 367 -0.61 -15.11 7.47
CA THR B 367 0.79 -14.80 7.76
C THR B 367 1.29 -13.61 6.94
N ILE B 368 0.58 -13.23 5.89
CA ILE B 368 0.90 -12.05 5.09
C ILE B 368 0.09 -10.84 5.51
N TRP B 369 -1.24 -10.98 5.61
CA TRP B 369 -2.13 -9.85 5.78
C TRP B 369 -2.56 -9.62 7.23
N GLY B 370 -2.26 -10.53 8.14
CA GLY B 370 -2.75 -10.44 9.50
C GLY B 370 -4.02 -11.24 9.68
N ASP B 371 -4.51 -11.26 10.93
CA ASP B 371 -5.64 -12.12 11.24
C ASP B 371 -6.98 -11.59 10.74
N ASP B 372 -7.09 -10.30 10.45
CA ASP B 372 -8.35 -9.69 10.01
C ASP B 372 -8.57 -9.79 8.51
N VAL B 373 -8.19 -10.89 7.87
CA VAL B 373 -8.19 -10.97 6.40
C VAL B 373 -9.58 -10.82 5.80
N GLU B 374 -10.64 -11.13 6.55
CA GLU B 374 -11.97 -11.06 5.96
C GLU B 374 -12.55 -9.64 5.99
N GLU B 375 -11.88 -8.70 6.64
CA GLU B 375 -12.39 -7.34 6.73
C GLU B 375 -11.98 -6.54 5.49
N PHE B 376 -12.86 -5.66 5.06
CA PHE B 376 -12.62 -4.80 3.89
C PHE B 376 -11.95 -3.52 4.37
N ARG B 377 -10.66 -3.38 4.10
CA ARG B 377 -9.86 -2.26 4.60
C ARG B 377 -8.96 -1.76 3.49
N PRO B 378 -9.42 -0.79 2.70
CA PRO B 378 -8.57 -0.27 1.61
C PRO B 378 -7.26 0.30 2.10
N GLU B 379 -7.18 0.71 3.37
CA GLU B 379 -5.96 1.27 3.92
C GLU B 379 -4.80 0.27 3.91
N ARG B 380 -5.09 -1.04 3.73
CA ARG B 380 -4.01 -2.00 3.51
C ARG B 380 -3.12 -1.60 2.35
N PHE B 381 -3.69 -0.90 1.35
CA PHE B 381 -3.00 -0.55 0.12
C PHE B 381 -2.55 0.90 0.11
N GLU B 382 -2.55 1.55 1.27
CA GLU B 382 -2.11 2.95 1.33
C GLU B 382 -0.68 3.11 0.85
N ASN B 383 0.18 2.16 1.19
CA ASN B 383 1.58 2.17 0.77
CA ASN B 383 1.59 2.16 0.77
C ASN B 383 1.88 0.90 -0.01
N PRO B 384 1.96 0.97 -1.34
CA PRO B 384 2.20 -0.25 -2.13
C PRO B 384 3.48 -0.98 -1.77
N SER B 385 4.48 -0.28 -1.23
CA SER B 385 5.76 -0.89 -0.91
C SER B 385 5.66 -1.95 0.19
N ALA B 386 4.63 -1.89 1.03
CA ALA B 386 4.53 -2.80 2.16
C ALA B 386 4.05 -4.20 1.82
N ILE B 387 3.61 -4.45 0.59
CA ILE B 387 3.06 -5.75 0.21
C ILE B 387 4.19 -6.62 -0.35
N PRO B 388 4.44 -7.79 0.23
CA PRO B 388 5.49 -8.68 -0.28
C PRO B 388 5.23 -9.12 -1.71
N GLN B 389 6.31 -9.51 -2.39
CA GLN B 389 6.18 -10.01 -3.76
C GLN B 389 5.35 -11.28 -3.79
N HIS B 390 4.46 -11.35 -4.77
CA HIS B 390 3.60 -12.50 -5.02
C HIS B 390 2.58 -12.75 -3.92
N ALA B 391 2.35 -11.77 -3.05
CA ALA B 391 1.27 -11.89 -2.08
C ALA B 391 -0.08 -11.50 -2.67
N PHE B 392 -0.07 -10.71 -3.75
CA PHE B 392 -1.28 -10.09 -4.31
C PHE B 392 -1.20 -10.29 -5.81
N LYS B 393 -2.02 -11.21 -6.34
CA LYS B 393 -1.86 -11.65 -7.73
C LYS B 393 -3.18 -11.71 -8.51
N PRO B 394 -4.02 -10.67 -8.42
CA PRO B 394 -5.30 -10.74 -9.15
C PRO B 394 -5.13 -10.68 -10.65
N PHE B 395 -3.97 -10.25 -11.15
CA PHE B 395 -3.73 -10.16 -12.59
C PHE B 395 -2.72 -11.19 -13.08
N GLY B 396 -2.53 -12.28 -12.34
CA GLY B 396 -1.65 -13.33 -12.83
C GLY B 396 -0.19 -13.00 -12.56
N ASN B 397 0.68 -13.62 -13.36
CA ASN B 397 2.10 -13.59 -13.04
C ASN B 397 2.96 -13.44 -14.28
N GLY B 398 4.01 -12.63 -14.15
CA GLY B 398 5.11 -12.63 -15.10
C GLY B 398 4.71 -12.19 -16.49
N GLN B 399 5.37 -12.79 -17.49
CA GLN B 399 5.10 -12.43 -18.87
C GLN B 399 3.72 -12.86 -19.31
N ARG B 400 3.08 -13.79 -18.59
CA ARG B 400 1.72 -14.18 -18.89
C ARG B 400 0.71 -13.48 -17.98
N ALA B 401 1.12 -12.39 -17.35
CA ALA B 401 0.19 -11.60 -16.56
C ALA B 401 -0.81 -10.90 -17.48
N CYS B 402 -1.86 -10.38 -16.86
CA CYS B 402 -2.92 -9.71 -17.60
C CYS B 402 -2.39 -8.54 -18.41
N ILE B 403 -2.56 -8.59 -19.74
CA ILE B 403 -2.13 -7.48 -20.57
C ILE B 403 -3.03 -6.27 -20.40
N GLY B 404 -4.27 -6.47 -19.94
CA GLY B 404 -5.23 -5.40 -19.83
C GLY B 404 -5.35 -4.78 -18.44
N GLN B 405 -4.39 -5.06 -17.56
CA GLN B 405 -4.51 -4.63 -16.17
C GLN B 405 -4.71 -3.12 -16.07
N GLN B 406 -3.87 -2.34 -16.77
CA GLN B 406 -3.99 -0.88 -16.69
C GLN B 406 -5.28 -0.38 -17.32
N PHE B 407 -5.73 -1.05 -18.39
CA PHE B 407 -7.01 -0.72 -18.99
C PHE B 407 -8.15 -0.93 -18.00
N ALA B 408 -8.19 -2.11 -17.38
CA ALA B 408 -9.25 -2.42 -16.42
C ALA B 408 -9.25 -1.46 -15.25
N LEU B 409 -8.07 -1.14 -14.70
CA LEU B 409 -8.04 -0.28 -13.53
C LEU B 409 -8.35 1.17 -13.87
N HIS B 410 -7.94 1.64 -15.05
CA HIS B 410 -8.30 3.00 -15.43
C HIS B 410 -9.81 3.10 -15.64
N GLU B 411 -10.39 2.15 -16.37
CA GLU B 411 -11.83 2.16 -16.56
C GLU B 411 -12.57 2.11 -15.24
N ALA B 412 -12.16 1.19 -14.35
CA ALA B 412 -12.90 1.01 -13.12
C ALA B 412 -12.74 2.20 -12.19
N THR B 413 -11.55 2.81 -12.18
CA THR B 413 -11.34 3.99 -11.33
C THR B 413 -12.16 5.16 -11.85
N LEU B 414 -12.15 5.39 -13.16
CA LEU B 414 -12.96 6.44 -13.76
C LEU B 414 -14.43 6.26 -13.41
N VAL B 415 -14.95 5.06 -13.64
CA VAL B 415 -16.40 4.84 -13.49
C VAL B 415 -16.80 4.89 -12.02
N LEU B 416 -16.04 4.22 -11.15
CA LEU B 416 -16.37 4.27 -9.73
C LEU B 416 -16.25 5.69 -9.21
N GLY B 417 -15.26 6.44 -9.69
CA GLY B 417 -15.15 7.84 -9.31
C GLY B 417 -16.37 8.66 -9.69
N MET B 418 -16.84 8.49 -10.92
CA MET B 418 -18.03 9.22 -11.35
C MET B 418 -19.27 8.78 -10.57
N MET B 419 -19.39 7.47 -10.29
CA MET B 419 -20.52 6.97 -9.51
C MET B 419 -20.55 7.63 -8.14
N LEU B 420 -19.40 7.67 -7.47
CA LEU B 420 -19.33 8.26 -6.14
C LEU B 420 -19.54 9.77 -6.17
N LYS B 421 -19.15 10.42 -7.26
CA LYS B 421 -19.34 11.86 -7.38
C LYS B 421 -20.82 12.20 -7.50
N HIS B 422 -21.58 11.40 -8.26
CA HIS B 422 -22.90 11.82 -8.70
C HIS B 422 -24.05 11.25 -7.87
N PHE B 423 -23.82 10.23 -7.05
CA PHE B 423 -24.92 9.59 -6.33
C PHE B 423 -24.53 9.24 -4.90
N ASP B 424 -25.53 9.26 -4.02
CA ASP B 424 -25.49 8.53 -2.76
C ASP B 424 -26.14 7.18 -2.97
N PHE B 425 -25.58 6.15 -2.35
CA PHE B 425 -26.05 4.77 -2.56
C PHE B 425 -26.65 4.19 -1.29
N GLU B 426 -27.70 3.39 -1.47
CA GLU B 426 -28.38 2.74 -0.36
C GLU B 426 -28.47 1.24 -0.61
N ASP B 427 -28.02 0.46 0.37
CA ASP B 427 -28.21 -0.99 0.39
C ASP B 427 -29.61 -1.28 0.93
N HIS B 428 -30.61 -1.00 0.08
CA HIS B 428 -31.99 -0.94 0.57
C HIS B 428 -32.59 -2.30 0.88
N THR B 429 -32.01 -3.40 0.37
CA THR B 429 -32.50 -4.73 0.67
C THR B 429 -31.68 -5.45 1.72
N ASN B 430 -30.64 -4.80 2.27
CA ASN B 430 -29.65 -5.47 3.10
C ASN B 430 -29.16 -6.75 2.39
N TYR B 431 -28.62 -6.53 1.19
CA TYR B 431 -28.27 -7.62 0.29
C TYR B 431 -27.33 -8.62 0.94
N GLU B 432 -27.65 -9.90 0.81
CA GLU B 432 -26.82 -10.98 1.31
C GLU B 432 -25.94 -11.48 0.17
N LEU B 433 -24.63 -11.43 0.36
CA LEU B 433 -23.71 -11.71 -0.73
C LEU B 433 -23.91 -13.13 -1.26
N ASP B 434 -24.12 -13.21 -2.57
CA ASP B 434 -24.35 -14.48 -3.27
C ASP B 434 -23.48 -14.44 -4.52
N ILE B 435 -22.40 -15.22 -4.53
CA ILE B 435 -21.39 -15.11 -5.57
C ILE B 435 -21.68 -16.17 -6.62
N LYS B 436 -22.12 -15.72 -7.80
CA LYS B 436 -22.33 -16.62 -8.92
C LYS B 436 -21.02 -16.82 -9.67
N GLU B 437 -20.77 -18.05 -10.11
CA GLU B 437 -19.52 -18.41 -10.76
C GLU B 437 -19.78 -18.81 -12.21
N THR B 438 -19.12 -18.12 -13.13
CA THR B 438 -18.93 -18.62 -14.48
C THR B 438 -17.51 -19.18 -14.52
N LEU B 439 -16.69 -18.71 -15.45
CA LEU B 439 -15.26 -18.80 -15.21
C LEU B 439 -14.75 -17.67 -14.32
N THR B 440 -15.59 -16.66 -14.07
CA THR B 440 -15.26 -15.54 -13.21
C THR B 440 -16.29 -15.43 -12.08
N LEU B 441 -16.07 -14.47 -11.19
CA LEU B 441 -16.91 -14.28 -10.01
C LEU B 441 -17.68 -12.97 -10.13
N LYS B 442 -18.93 -12.96 -9.64
CA LYS B 442 -19.69 -11.73 -9.56
C LYS B 442 -20.78 -11.89 -8.51
N PRO B 443 -21.25 -10.79 -7.90
CA PRO B 443 -22.29 -10.89 -6.87
C PRO B 443 -23.71 -10.91 -7.44
N GLU B 444 -24.30 -12.09 -7.52
CA GLU B 444 -25.59 -12.24 -8.17
C GLU B 444 -26.72 -11.57 -7.36
N GLY B 445 -27.58 -10.83 -8.06
CA GLY B 445 -28.73 -10.22 -7.42
C GLY B 445 -28.43 -8.98 -6.64
N PHE B 446 -27.21 -8.46 -6.72
CA PHE B 446 -26.84 -7.26 -6.00
C PHE B 446 -27.60 -6.06 -6.57
N VAL B 447 -28.41 -5.41 -5.73
CA VAL B 447 -29.19 -4.25 -6.12
C VAL B 447 -28.97 -3.16 -5.09
N VAL B 448 -29.05 -1.91 -5.56
CA VAL B 448 -28.95 -0.73 -4.70
C VAL B 448 -29.93 0.32 -5.22
N LYS B 449 -30.16 1.34 -4.41
CA LYS B 449 -30.83 2.55 -4.82
C LYS B 449 -29.81 3.68 -4.83
N ALA B 450 -29.92 4.57 -5.81
CA ALA B 450 -29.00 5.70 -5.95
C ALA B 450 -29.77 7.00 -5.94
N LYS B 451 -29.41 7.89 -5.02
CA LYS B 451 -30.02 9.20 -4.92
C LYS B 451 -29.06 10.22 -5.53
N SER B 452 -29.51 10.90 -6.58
CA SER B 452 -28.64 11.83 -7.29
C SER B 452 -28.22 12.99 -6.39
N LYS B 453 -26.94 13.36 -6.48
CA LYS B 453 -26.47 14.61 -5.88
C LYS B 453 -26.78 15.83 -6.75
N LYS B 454 -27.44 15.64 -7.90
CA LYS B 454 -27.85 16.72 -8.79
C LYS B 454 -26.66 17.56 -9.24
N ILE B 455 -25.61 16.89 -9.70
CA ILE B 455 -24.41 17.53 -10.24
C ILE B 455 -24.43 17.33 -11.75
N PRO B 456 -24.54 18.39 -12.54
CA PRO B 456 -24.72 18.22 -13.98
C PRO B 456 -23.46 17.70 -14.65
N LEU B 457 -23.64 17.13 -15.84
CA LEU B 457 -22.54 16.60 -16.63
C LEU B 457 -22.10 17.63 -17.68
CHA HEM C . 11.72 9.32 6.96
CHB HEM C . 9.27 9.99 11.11
CHC HEM C . 11.34 5.98 12.94
CHD HEM C . 14.39 5.90 9.14
C1A HEM C . 10.85 9.81 7.90
C2A HEM C . 9.95 10.93 7.72
C3A HEM C . 9.27 11.11 8.86
C4A HEM C . 9.72 10.12 9.81
CMA HEM C . 8.21 12.18 9.15
CAA HEM C . 9.80 11.74 6.42
CBA HEM C . 10.71 12.97 6.57
CGA HEM C . 10.64 13.88 5.36
O1A HEM C . 11.55 14.75 5.21
O2A HEM C . 9.67 13.77 4.57
C1B HEM C . 9.61 8.96 11.96
C2B HEM C . 9.03 8.72 13.26
C3B HEM C . 9.60 7.62 13.79
C4B HEM C . 10.55 7.12 12.81
CMB HEM C . 7.97 9.65 13.89
CAB HEM C . 9.37 6.92 15.15
CBB HEM C . 8.24 7.03 15.86
C1C HEM C . 12.31 5.59 12.05
C2C HEM C . 13.12 4.39 12.15
C3C HEM C . 13.98 4.38 11.10
C4C HEM C . 13.72 5.55 10.30
CMC HEM C . 12.99 3.37 13.30
CAC HEM C . 15.06 3.32 10.70
CBC HEM C . 15.11 2.08 11.20
C1D HEM C . 13.93 6.80 8.21
C2D HEM C . 14.45 7.00 6.88
C3D HEM C . 13.71 7.94 6.27
C4D HEM C . 12.69 8.36 7.19
CMD HEM C . 15.66 6.26 6.27
CAD HEM C . 13.88 8.48 4.84
CBD HEM C . 13.02 7.60 3.92
CGD HEM C . 13.19 8.01 2.48
O1D HEM C . 13.09 9.23 2.18
O2D HEM C . 13.41 7.12 1.62
NA HEM C . 10.69 9.36 9.20
NB HEM C . 10.53 7.96 11.71
NC HEM C . 12.71 6.26 10.90
ND HEM C . 12.84 7.66 8.36
FE HEM C . 11.67 7.79 10.04
N HOA D . 13.32 9.45 10.78
O HOA D . 13.35 9.02 12.13
C1 IC6 E . 13.49 13.14 11.60
C3 IC6 E . 12.45 12.52 9.84
C4 IC6 E . 13.10 13.72 9.58
C6 IC6 E . 14.54 15.26 10.89
C7 IC6 E . 13.82 16.50 10.34
C8 IC6 E . 12.84 17.07 11.37
C09 IC6 E . 12.08 18.28 10.83
C10 IC6 E . 12.96 19.48 10.42
C11 IC6 E . 12.02 20.69 10.34
C13 IC6 E . 11.04 22.76 11.49
C14 IC6 E . 11.24 23.80 10.38
C17 IC6 E . 11.14 23.44 12.86
C18 IC6 E . 12.48 24.12 13.11
C19 IC6 E . 13.53 23.39 13.63
C20 IC6 E . 14.75 24.02 13.88
C21 IC6 E . 14.91 25.37 13.60
C22 IC6 E . 13.85 26.10 13.07
C23 IC6 E . 12.63 25.47 12.84
N2 IC6 E . 12.72 12.20 11.10
N5 IC6 E . 13.73 14.06 10.69
N12 IC6 E . 11.94 21.61 11.47
O15 IC6 E . 12.36 23.96 9.83
O16 IC6 E . 10.26 24.53 10.04
O24 IC6 E . 11.37 20.87 9.37
C1 IC6 F . 13.53 14.83 11.48
C3 IC6 F . 12.80 13.81 9.76
C4 IC6 F . 12.85 15.17 9.48
C6 IC6 F . 13.55 17.19 10.76
C7 IC6 F . 12.36 18.13 10.52
C8 IC6 F . 12.73 19.57 10.91
C09 IC6 F . 11.83 20.69 10.33
C10 IC6 F . 11.80 21.95 11.22
C11 IC6 F . 11.57 23.24 10.41
C13 IC6 F . 12.66 24.88 8.70
C14 IC6 F . 13.80 24.50 7.76
C17 IC6 F . 13.00 26.17 9.45
C18 IC6 F . 13.26 27.39 8.55
C19 IC6 F . 14.53 27.91 8.43
C20 IC6 F . 14.77 29.01 7.63
C21 IC6 F . 13.73 29.62 6.95
C22 IC6 F . 12.44 29.11 7.08
C23 IC6 F . 12.21 28.00 7.88
N2 IC6 F . 13.22 13.64 11.00
N5 IC6 F . 13.30 15.77 10.57
N12 IC6 F . 12.66 23.71 9.57
O15 IC6 F . 13.86 24.93 6.58
O16 IC6 F . 14.67 23.72 8.21
O24 IC6 F . 10.55 23.83 10.46
C1 IPH G . 23.03 6.73 26.36
C2 IPH G . 23.37 6.87 27.70
C3 IPH G . 22.65 7.75 28.48
C4 IPH G . 21.61 8.48 27.96
C5 IPH G . 21.28 8.32 26.64
C6 IPH G . 21.99 7.46 25.84
O1 IPH G . 23.73 5.88 25.60
C1 IPH H . 19.12 25.16 9.94
C2 IPH H . 19.99 24.27 10.54
C3 IPH H . 19.51 23.40 11.50
C4 IPH H . 18.20 23.41 11.86
C5 IPH H . 17.34 24.28 11.26
C6 IPH H . 17.79 25.16 10.29
O1 IPH H . 19.57 26.01 8.99
C1 IPH I . 16.67 12.39 12.88
C2 IPH I . 17.48 13.48 12.63
C3 IPH I . 17.87 13.78 11.33
C4 IPH I . 17.44 12.97 10.28
C5 IPH I . 16.63 11.86 10.53
C6 IPH I . 16.25 11.58 11.83
O1 IPH I . 16.29 12.10 14.16
C1 IPH J . -11.98 9.45 14.49
C2 IPH J . -11.09 10.33 13.89
C3 IPH J . -11.53 11.18 12.89
C4 IPH J . -12.86 11.17 12.49
C5 IPH J . -13.75 10.28 13.09
C6 IPH J . -13.31 9.42 14.09
O1 IPH J . -11.54 8.60 15.47
CHA HEM K . -4.70 -12.48 -18.58
CHB HEM K . -7.19 -11.11 -14.64
CHC HEM K . -8.99 -7.35 -17.17
CHD HEM K . -7.16 -9.25 -21.24
C1A HEM K . -5.18 -12.42 -17.28
C2A HEM K . -4.81 -13.30 -16.20
C3A HEM K . -5.49 -12.92 -15.11
C4A HEM K . -6.33 -11.79 -15.47
CMA HEM K . -5.43 -13.57 -13.71
CAA HEM K . -3.79 -14.48 -16.29
CBA HEM K . -4.60 -15.76 -16.52
CGA HEM K . -3.73 -17.00 -16.62
O1A HEM K . -4.26 -18.03 -17.13
O2A HEM K . -2.56 -16.97 -16.18
C1B HEM K . -7.89 -9.96 -14.99
C2B HEM K . -8.70 -9.15 -14.09
C3B HEM K . -9.20 -8.13 -14.81
C4B HEM K . -8.70 -8.23 -16.16
CMB HEM K . -8.94 -9.50 -12.61
CAB HEM K . -10.12 -6.96 -14.35
CBB HEM K . -10.23 -6.52 -13.09
C1C HEM K . -8.62 -7.50 -18.49
C2C HEM K . -8.86 -6.56 -19.56
C3C HEM K . -8.37 -7.09 -20.71
C4C HEM K . -7.77 -8.39 -20.36
CMC HEM K . -9.60 -5.21 -19.35
CAC HEM K . -8.34 -6.51 -22.14
CBC HEM K . -8.53 -5.22 -22.43
C1D HEM K . -6.31 -10.28 -20.88
C2D HEM K . -5.49 -11.07 -21.77
C3D HEM K . -4.80 -11.95 -21.03
C4D HEM K . -5.18 -11.77 -19.65
CMD HEM K . -5.39 -10.91 -23.30
CAD HEM K . -3.77 -12.99 -21.53
CBD HEM K . -2.40 -12.30 -21.50
CGD HEM K . -1.32 -13.21 -22.05
O1D HEM K . -1.24 -14.38 -21.60
O2D HEM K . -0.52 -12.76 -22.91
NA HEM K . -6.11 -11.52 -16.81
NB HEM K . -7.92 -9.37 -16.23
NC HEM K . -7.96 -8.59 -19.02
ND HEM K . -6.10 -10.74 -19.59
FE HEM K . -7.02 -10.05 -17.91
N HOA L . -8.80 -11.68 -18.19
O HOA L . -9.89 -10.81 -18.09
C1 IC6 M . -10.39 -14.85 -16.89
C3 IC6 M . -8.32 -14.56 -16.85
C4 IC6 M . -8.56 -15.88 -17.03
C6 IC6 M . -10.60 -17.25 -17.24
C7 IC6 M . -10.03 -18.39 -16.40
C8 IC6 M . -10.48 -18.29 -14.97
C09 IC6 M . -9.98 -19.44 -14.12
C10 IC6 M . -10.38 -20.82 -14.60
C11 IC6 M . -10.08 -21.74 -13.43
C13 IC6 M . -10.90 -23.02 -11.44
C14 IC6 M . -10.27 -24.38 -11.67
C17 IC6 M . -12.24 -23.13 -10.73
C18 IC6 M . -13.25 -23.95 -11.48
C19 IC6 M . -14.12 -23.36 -12.33
C20 IC6 M . -15.04 -24.11 -13.00
C21 IC6 M . -15.09 -25.45 -12.84
C22 IC6 M . -14.22 -26.06 -11.99
C23 IC6 M . -13.30 -25.30 -11.32
N2 IC6 M . -9.47 -13.95 -16.77
N5 IC6 M . -9.85 -16.02 -17.05
N12 IC6 M . -11.15 -22.22 -12.61
O15 IC6 M . -10.25 -24.95 -12.78
O16 IC6 M . -9.78 -24.93 -10.67
O24 IC6 M . -9.00 -22.04 -13.20
C1 IC6 N . -10.50 -15.89 -16.65
C3 IC6 N . -8.61 -15.09 -16.96
C4 IC6 N . -8.54 -16.42 -16.65
C6 IC6 N . -10.14 -18.38 -16.03
C7 IC6 N . -9.96 -19.09 -14.59
C8 IC6 N . -10.44 -20.59 -14.35
C09 IC6 N . -9.86 -21.68 -13.31
C10 IC6 N . -10.80 -22.51 -12.33
C11 IC6 N . -10.30 -23.95 -11.91
C13 IC6 N . -9.81 -26.27 -13.00
C14 IC6 N . -9.46 -26.55 -14.47
C17 IC6 N . -10.87 -27.29 -12.61
C18 IC6 N . -10.48 -28.74 -12.80
C19 IC6 N . -11.10 -29.53 -13.73
C20 IC6 N . -10.77 -30.83 -13.89
C21 IC6 N . -9.81 -31.38 -13.11
C22 IC6 N . -9.18 -30.61 -12.16
C23 IC6 N . -9.52 -29.29 -12.01
N2 IC6 N . -9.87 -14.79 -16.95
N5 IC6 N . -9.74 -16.94 -16.43
N12 IC6 N . -10.25 -24.90 -12.97
O15 IC6 N . -10.03 -25.90 -15.37
O16 IC6 N . -8.63 -27.40 -14.74
O24 IC6 N . -9.96 -24.42 -10.87
C1 IPH O . 0.48 -4.37 -5.74
C2 IPH O . 0.42 -3.67 -4.54
C3 IPH O . -0.39 -2.54 -4.43
C4 IPH O . -1.13 -2.11 -5.52
C5 IPH O . -1.07 -2.81 -6.72
C6 IPH O . -0.27 -3.94 -6.82
O1 IPH O . 1.27 -5.49 -5.84
C1 IPH P . -12.65 -14.53 -19.38
C2 IPH P . -13.00 -15.80 -19.77
C3 IPH P . -12.08 -16.58 -20.45
C4 IPH P . -10.82 -16.12 -20.70
C5 IPH P . -10.47 -14.87 -20.30
C6 IPH P . -11.37 -14.06 -19.63
O1 IPH P . -13.56 -13.75 -18.73
C1 IPH Q . -27.03 -6.82 -19.86
C2 IPH Q . -25.71 -6.90 -20.25
C3 IPH Q . -25.33 -6.38 -21.47
C4 IPH Q . -26.25 -5.77 -22.28
C5 IPH Q . -27.56 -5.67 -21.89
C6 IPH Q . -27.96 -6.20 -20.68
O1 IPH Q . -27.39 -7.35 -18.68
#